data_3SCX
#
_entry.id   3SCX
#
_cell.length_a   75.022
_cell.length_b   119.333
_cell.length_c   130.663
_cell.angle_alpha   90.00
_cell.angle_beta   90.00
_cell.angle_gamma   90.00
#
_symmetry.space_group_name_H-M   'P 21 21 21'
#
loop_
_entity.id
_entity.type
_entity.pdbx_description
1 polymer "5'-D(*TP*CP*AP*AP*GP*TP*AP*AP*GP*CP*AP*GP*TP*CP*CP*GP*CP*G)-3'"
2 polymer "5'-D(*GP*CP*GP*GP*AP*CP*TP*GP*CP*TP*TP*AP*C)-3'"
3 polymer 'DNA polymerase'
4 non-polymer "2'-DEOXYURIDINE 5'-ALPHA,BETA-IMIDO-TRIPHOSPHATE"
5 non-polymer 'CALCIUM ION'
6 water water
#
loop_
_entity_poly.entity_id
_entity_poly.type
_entity_poly.pdbx_seq_one_letter_code
_entity_poly.pdbx_strand_id
1 'polydeoxyribonucleotide' (DT)(DC)(DA)(DA)(DG)(DT)(DA)(DA)(DG)(DC)(DA)(DG)(DT)(DC)(DC)(DG)(DC)(DG) T
2 'polydeoxyribonucleotide' (DG)(DC)(DG)(DG)(DA)(DC)(DT)(DG)(DC)(DT)(DT)(DA)(DC) P
3 'polypeptide(L)'
;MKEFYLTVEQIGDSIFERYIDSNGRERTREVEYKPSLFAHCPESQATKYFDIYGKPCTRKLFANMRDASQWIKRMEDIGL
EALGMDDFKLAYLSDTYNYEIKYDHTKIRVANFDIEVTSPDGFPEPSQAKHPIDAITHYDSIDDRFYVFDLLNSPYGNVE
EWSIEIAAKLQEQGGDEVPSEIIDKIIYMPFDNEKELLMEYLNFWQQKTPVILTGWNVESFAIPYVYNRIKNIFGESTAK
RLSPHRKTRVKVIENMYGSREIITLFGISVLDYIDLYKKFSFTNQPSYSLDYISEFELNVGKLKYDGPISKLRESNHQRY
ISYNIIAVYRVLQIDAKRQFINLSLDMGYYAKIQIQSVFSPIKTWDAIIFNSLKEQNKVIPQGRSHPVQPYPGAFVKEPI
PNRYKYVMSFDLTSLYPSIIRQVNISPETIAGTFKVAPLHDYINAVAERPSDVYSCSPNGMMYYKDRDGVVPTEITKVFN
QRKEHKGYMLAAQRNGEIIKEALHNPNLSVDEPLDVDYRFDFSDEIKEKIKKLSAKSLNEMLFRAQRTEVAGMTAQINRK
ALINGLAGALGNVWFRYYDLRNATAITTFGQMALQWIERKVNEYLNEVCGTEGEAFVLYGDTDSIYVSADKIIDKVGESK
FRDTNHWVDFLDKFARERMEPAIDRGFREMCEYMNNKQHLMFMDREAIAGPPLGSKGIGGFWTGKKRYALNVWDMEGTRY
AEPKLKIMGLETQKSSTPKAVQKALKECIRRMLQEGEESLQEYFKEFEKEFRQLNYISIASVSSANNIAKYDVGGFPGPK
CPFHIRGILTYNRAIKGNIDAPQVVEGEKVYVLPLREGNPFGDKCIAWPSGTEITDLIKDDVLHWMDYTVLLEKTFIKPL
EGFTSAAKLDYEKKASLFDMFAF
;
A
#
loop_
_chem_comp.id
_chem_comp.type
_chem_comp.name
_chem_comp.formula
CA non-polymer 'CALCIUM ION' 'Ca 2'
DA DNA linking 2'-DEOXYADENOSINE-5'-MONOPHOSPHATE 'C10 H14 N5 O6 P'
DC DNA linking 2'-DEOXYCYTIDINE-5'-MONOPHOSPHATE 'C9 H14 N3 O7 P'
DG DNA linking 2'-DEOXYGUANOSINE-5'-MONOPHOSPHATE 'C10 H14 N5 O7 P'
DT DNA linking THYMIDINE-5'-MONOPHOSPHATE 'C10 H15 N2 O8 P'
DUP non-polymer '2'-DEOXYURIDINE 5'-ALPHA,BETA-IMIDO-TRIPHOSPHATE' 'C9 H16 N3 O13 P3'
#
# COMPACT_ATOMS: atom_id res chain seq x y z
N MET C 1 -27.20 13.18 18.57
CA MET C 1 -25.91 13.27 17.83
C MET C 1 -25.96 14.26 16.67
N LYS C 2 -24.78 14.65 16.20
CA LYS C 2 -24.67 15.50 15.02
C LYS C 2 -24.84 14.61 13.80
N GLU C 3 -25.48 15.13 12.76
CA GLU C 3 -25.71 14.36 11.55
C GLU C 3 -24.44 14.15 10.74
N PHE C 4 -24.42 13.12 9.90
CA PHE C 4 -23.36 13.02 8.92
C PHE C 4 -23.91 12.40 7.64
N TYR C 5 -23.34 12.81 6.52
CA TYR C 5 -23.73 12.26 5.23
C TYR C 5 -23.26 10.82 5.14
N LEU C 6 -23.91 10.05 4.28
CA LEU C 6 -23.41 8.73 3.95
C LEU C 6 -22.89 8.76 2.52
N THR C 7 -23.74 9.16 1.59
CA THR C 7 -23.33 9.36 0.20
C THR C 7 -23.88 10.68 -0.35
N VAL C 8 -23.22 11.22 -1.37
CA VAL C 8 -23.70 12.39 -2.06
C VAL C 8 -23.45 12.24 -3.55
N GLU C 9 -24.38 12.76 -4.35
CA GLU C 9 -24.27 12.72 -5.80
C GLU C 9 -24.88 13.98 -6.37
N GLN C 10 -24.38 14.42 -7.53
CA GLN C 10 -25.07 15.44 -8.29
C GLN C 10 -25.73 14.78 -9.49
N ILE C 11 -27.05 14.82 -9.54
CA ILE C 11 -27.80 14.34 -10.68
C ILE C 11 -28.57 15.50 -11.31
N GLY C 12 -28.08 15.99 -12.44
CA GLY C 12 -28.69 17.15 -13.08
C GLY C 12 -28.54 18.38 -12.19
N ASP C 13 -29.68 18.98 -11.84
CA ASP C 13 -29.68 20.19 -11.02
C ASP C 13 -30.05 19.92 -9.56
N SER C 14 -30.03 18.64 -9.18
CA SER C 14 -30.29 18.23 -7.80
C SER C 14 -29.09 17.55 -7.18
N ILE C 15 -28.87 17.81 -5.90
CA ILE C 15 -27.98 16.99 -5.10
C ILE C 15 -28.83 15.91 -4.43
N PHE C 16 -28.40 14.66 -4.55
CA PHE C 16 -29.02 13.58 -3.79
C PHE C 16 -28.05 13.19 -2.69
N GLU C 17 -28.54 13.23 -1.45
CA GLU C 17 -27.74 12.88 -0.31
C GLU C 17 -28.39 11.74 0.46
N ARG C 18 -27.61 10.73 0.83
CA ARG C 18 -28.05 9.78 1.84
C ARG C 18 -27.33 10.14 3.13
N TYR C 19 -28.06 10.29 4.23
CA TYR C 19 -27.40 10.70 5.46
C TYR C 19 -27.98 10.07 6.72
N ILE C 20 -27.24 10.20 7.81
CA ILE C 20 -27.72 9.84 9.13
C ILE C 20 -28.19 11.09 9.84
N ASP C 21 -29.45 11.11 10.27
CA ASP C 21 -30.02 12.30 10.85
C ASP C 21 -29.72 12.41 12.35
N SER C 22 -30.17 13.49 12.98
CA SER C 22 -29.74 13.81 14.33
C SER C 22 -30.21 12.75 15.33
N ASN C 23 -31.16 11.94 14.90
CA ASN C 23 -31.73 10.89 15.73
C ASN C 23 -31.18 9.49 15.39
N GLY C 24 -30.19 9.45 14.51
CA GLY C 24 -29.50 8.20 14.19
C GLY C 24 -30.15 7.37 13.10
N ARG C 25 -31.11 7.96 12.40
CA ARG C 25 -31.81 7.23 11.35
C ARG C 25 -31.26 7.55 9.96
N GLU C 26 -31.12 6.53 9.13
CA GLU C 26 -30.72 6.74 7.74
C GLU C 26 -31.83 7.47 7.00
N ARG C 27 -31.46 8.54 6.29
CA ARG C 27 -32.44 9.26 5.50
C ARG C 27 -31.90 9.61 4.11
N THR C 28 -32.79 10.07 3.24
CA THR C 28 -32.41 10.45 1.89
C THR C 28 -33.19 11.69 1.51
N ARG C 29 -32.53 12.61 0.81
CA ARG C 29 -33.23 13.80 0.34
C ARG C 29 -32.69 14.22 -1.03
N GLU C 30 -33.49 14.99 -1.74
CA GLU C 30 -33.10 15.57 -3.00
C GLU C 30 -33.06 17.06 -2.74
N VAL C 31 -32.02 17.73 -3.17
CA VAL C 31 -31.87 19.13 -2.85
C VAL C 31 -31.45 19.90 -4.08
N GLU C 32 -32.23 20.91 -4.44
CA GLU C 32 -31.91 21.80 -5.55
C GLU C 32 -30.89 22.83 -5.09
N TYR C 33 -29.64 22.41 -5.01
CA TYR C 33 -28.61 23.23 -4.40
C TYR C 33 -28.10 24.27 -5.36
N LYS C 34 -28.05 25.51 -4.88
CA LYS C 34 -27.57 26.63 -5.68
C LYS C 34 -26.15 26.95 -5.27
N PRO C 35 -25.19 26.68 -6.18
CA PRO C 35 -23.78 26.84 -5.90
C PRO C 35 -23.37 28.29 -5.99
N SER C 36 -22.28 28.64 -5.31
CA SER C 36 -21.66 29.93 -5.53
C SER C 36 -20.29 29.73 -6.16
N LEU C 37 -19.97 30.58 -7.12
CA LEU C 37 -18.60 30.70 -7.61
C LEU C 37 -18.22 32.16 -7.45
N PHE C 38 -17.03 32.52 -7.90
CA PHE C 38 -16.50 33.84 -7.66
C PHE C 38 -15.77 34.38 -8.86
N ALA C 39 -15.63 35.70 -8.89
CA ALA C 39 -14.82 36.35 -9.90
C ALA C 39 -14.19 37.60 -9.29
N HIS C 40 -12.98 37.93 -9.73
CA HIS C 40 -12.33 39.14 -9.24
C HIS C 40 -13.21 40.37 -9.50
N CYS C 41 -13.05 41.40 -8.68
CA CYS C 41 -13.70 42.68 -8.92
C CYS C 41 -12.80 43.82 -8.44
N PRO C 42 -13.16 45.07 -8.77
CA PRO C 42 -12.38 46.22 -8.31
C PRO C 42 -12.35 46.31 -6.78
N GLU C 43 -11.26 46.85 -6.24
CA GLU C 43 -11.08 46.95 -4.79
C GLU C 43 -12.27 47.65 -4.13
N SER C 44 -12.59 48.85 -4.61
CA SER C 44 -13.71 49.63 -4.10
C SER C 44 -14.85 48.70 -3.71
N GLN C 45 -15.17 47.75 -4.59
CA GLN C 45 -16.19 46.76 -4.31
C GLN C 45 -15.85 46.07 -2.99
N ALA C 46 -16.36 46.64 -1.90
CA ALA C 46 -16.12 46.12 -0.56
C ALA C 46 -16.81 44.78 -0.39
N THR C 47 -16.00 43.73 -0.26
CA THR C 47 -16.49 42.38 -0.19
C THR C 47 -15.88 41.70 1.04
N LYS C 48 -16.36 40.50 1.34
CA LYS C 48 -15.77 39.71 2.41
C LYS C 48 -14.99 38.49 1.88
N TYR C 49 -14.95 38.32 0.55
CA TYR C 49 -14.24 37.18 -0.04
C TYR C 49 -12.97 37.61 -0.75
N PHE C 50 -11.88 36.93 -0.43
CA PHE C 50 -10.61 37.19 -1.11
C PHE C 50 -10.02 35.91 -1.65
N ASP C 51 -9.46 35.99 -2.85
CA ASP C 51 -8.76 34.83 -3.39
C ASP C 51 -7.53 34.66 -2.53
N ILE C 52 -6.86 33.52 -2.64
CA ILE C 52 -5.80 33.20 -1.70
C ILE C 52 -4.66 34.21 -1.76
N TYR C 53 -4.63 35.02 -2.82
CA TYR C 53 -3.55 36.01 -2.97
C TYR C 53 -3.97 37.37 -2.41
N GLY C 54 -5.13 37.42 -1.78
CA GLY C 54 -5.58 38.66 -1.16
C GLY C 54 -6.34 39.58 -2.11
N LYS C 55 -6.57 39.11 -3.33
CA LYS C 55 -7.35 39.89 -4.29
C LYS C 55 -8.84 39.69 -4.02
N PRO C 56 -9.59 40.80 -3.93
CA PRO C 56 -11.01 40.82 -3.61
C PRO C 56 -11.85 40.15 -4.69
N CYS C 57 -12.86 39.39 -4.27
CA CYS C 57 -13.73 38.70 -5.21
C CYS C 57 -15.19 39.04 -4.94
N THR C 58 -16.02 38.88 -5.97
CA THR C 58 -17.45 39.00 -5.80
C THR C 58 -18.06 37.60 -5.96
N ARG C 59 -18.96 37.24 -5.05
CA ARG C 59 -19.63 35.95 -5.14
C ARG C 59 -20.79 36.02 -6.14
N LYS C 60 -20.88 34.99 -6.98
CA LYS C 60 -21.99 34.88 -7.91
C LYS C 60 -22.84 33.66 -7.63
N LEU C 61 -24.07 33.92 -7.24
CA LEU C 61 -25.01 32.89 -6.83
C LEU C 61 -25.87 32.50 -8.03
N PHE C 62 -25.81 31.23 -8.41
CA PHE C 62 -26.49 30.75 -9.60
C PHE C 62 -27.82 30.13 -9.22
N ALA C 63 -28.77 30.16 -10.15
CA ALA C 63 -30.09 29.61 -9.86
C ALA C 63 -30.01 28.09 -9.72
N ASN C 64 -29.04 27.49 -10.42
CA ASN C 64 -28.88 26.04 -10.40
C ASN C 64 -27.49 25.63 -10.91
N MET C 65 -27.15 24.36 -10.73
CA MET C 65 -25.80 23.91 -11.01
C MET C 65 -25.40 23.92 -12.49
N ARG C 66 -26.36 23.74 -13.39
CA ARG C 66 -26.06 23.83 -14.83
C ARG C 66 -25.62 25.25 -15.19
N ASP C 67 -26.42 26.24 -14.82
CA ASP C 67 -26.04 27.64 -15.02
C ASP C 67 -24.61 27.90 -14.57
N ALA C 68 -24.27 27.43 -13.37
CA ALA C 68 -22.92 27.64 -12.85
C ALA C 68 -21.86 27.00 -13.75
N SER C 69 -22.14 25.79 -14.25
CA SER C 69 -21.23 25.11 -15.17
C SER C 69 -21.09 25.94 -16.44
N GLN C 70 -22.24 26.34 -16.98
CA GLN C 70 -22.25 27.17 -18.18
C GLN C 70 -21.45 28.45 -17.96
N TRP C 71 -21.57 29.05 -16.77
CA TRP C 71 -20.82 30.27 -16.48
C TRP C 71 -19.33 30.02 -16.54
N ILE C 72 -18.90 28.91 -15.98
CA ILE C 72 -17.49 28.55 -16.02
C ILE C 72 -17.05 28.50 -17.48
N LYS C 73 -17.87 27.87 -18.32
CA LYS C 73 -17.56 27.80 -19.74
C LYS C 73 -17.35 29.18 -20.35
N ARG C 74 -18.29 30.10 -20.10
CA ARG C 74 -18.18 31.43 -20.68
C ARG C 74 -16.94 32.17 -20.15
N MET C 75 -16.69 32.08 -18.86
CA MET C 75 -15.52 32.73 -18.30
C MET C 75 -14.27 32.23 -19.04
N GLU C 76 -14.30 30.98 -19.49
CA GLU C 76 -13.20 30.42 -20.27
C GLU C 76 -13.13 31.07 -21.66
N ASP C 77 -14.26 31.08 -22.36
CA ASP C 77 -14.35 31.71 -23.68
C ASP C 77 -13.89 33.17 -23.66
N ILE C 78 -14.25 33.91 -22.62
CA ILE C 78 -13.81 35.29 -22.45
C ILE C 78 -12.33 35.36 -22.05
N GLY C 79 -11.87 34.40 -21.26
CA GLY C 79 -10.48 34.37 -20.81
C GLY C 79 -10.26 35.02 -19.45
N LEU C 80 -11.18 34.76 -18.53
CA LEU C 80 -11.06 35.24 -17.15
C LEU C 80 -11.13 34.05 -16.22
N GLU C 81 -10.49 34.16 -15.06
CA GLU C 81 -10.56 33.11 -14.05
C GLU C 81 -11.96 33.02 -13.42
N ALA C 82 -12.52 31.81 -13.41
CA ALA C 82 -13.73 31.49 -12.66
C ALA C 82 -13.31 30.75 -11.40
N LEU C 83 -13.49 31.39 -10.25
CA LEU C 83 -12.93 30.88 -8.99
C LEU C 83 -13.98 30.20 -8.11
N GLY C 84 -13.51 29.34 -7.20
CA GLY C 84 -14.39 28.64 -6.28
C GLY C 84 -14.44 27.16 -6.57
N MET C 85 -15.01 26.39 -5.64
CA MET C 85 -15.15 24.96 -5.82
C MET C 85 -16.12 24.60 -6.95
N ASP C 86 -15.58 24.10 -8.05
CA ASP C 86 -16.38 23.75 -9.23
C ASP C 86 -16.97 22.33 -9.16
N ASP C 87 -16.51 21.52 -8.21
CA ASP C 87 -17.17 20.25 -7.95
C ASP C 87 -18.27 20.48 -6.90
N PHE C 88 -19.50 20.64 -7.38
CA PHE C 88 -20.56 21.16 -6.54
C PHE C 88 -20.89 20.32 -5.31
N LYS C 89 -20.90 19.00 -5.43
CA LYS C 89 -21.17 18.18 -4.25
C LYS C 89 -20.19 18.43 -3.09
N LEU C 90 -18.97 18.86 -3.38
CA LEU C 90 -18.03 19.13 -2.30
C LEU C 90 -18.40 20.43 -1.62
N ALA C 91 -18.87 21.38 -2.42
CA ALA C 91 -19.37 22.64 -1.87
C ALA C 91 -20.62 22.34 -1.04
N TYR C 92 -21.48 21.47 -1.55
CA TYR C 92 -22.66 21.06 -0.80
C TYR C 92 -22.30 20.48 0.56
N LEU C 93 -21.35 19.55 0.59
CA LEU C 93 -20.98 18.93 1.86
C LEU C 93 -20.45 19.97 2.82
N SER C 94 -19.70 20.92 2.26
CA SER C 94 -19.08 21.97 3.04
C SER C 94 -20.10 22.90 3.71
N ASP C 95 -21.13 23.27 2.95
CA ASP C 95 -22.21 24.08 3.54
C ASP C 95 -23.04 23.27 4.52
N THR C 96 -23.27 22.00 4.20
CA THR C 96 -24.18 21.16 4.93
C THR C 96 -23.58 20.60 6.22
N TYR C 97 -22.26 20.39 6.20
CA TYR C 97 -21.53 19.87 7.36
C TYR C 97 -20.35 20.76 7.72
N ASN C 98 -20.68 21.98 8.11
CA ASN C 98 -19.67 22.97 8.47
C ASN C 98 -19.08 22.74 9.87
N TYR C 99 -18.64 21.52 10.12
CA TYR C 99 -17.99 21.21 11.39
C TYR C 99 -17.13 19.97 11.22
N GLU C 100 -16.30 19.68 12.22
CA GLU C 100 -15.48 18.49 12.18
C GLU C 100 -16.41 17.29 12.37
N ILE C 101 -16.59 16.49 11.32
CA ILE C 101 -17.58 15.41 11.39
C ILE C 101 -17.19 14.31 12.36
N LYS C 102 -18.12 13.94 13.24
CA LYS C 102 -17.92 12.78 14.10
C LYS C 102 -18.85 11.65 13.64
N TYR C 103 -18.29 10.63 12.99
CA TYR C 103 -19.16 9.60 12.45
C TYR C 103 -19.38 8.45 13.43
N ASP C 104 -20.38 7.62 13.14
CA ASP C 104 -20.66 6.46 13.95
C ASP C 104 -20.79 5.29 12.99
N HIS C 105 -19.73 4.49 12.90
CA HIS C 105 -19.66 3.44 11.90
C HIS C 105 -20.79 2.43 12.09
N THR C 106 -21.32 2.33 13.31
CA THR C 106 -22.36 1.34 13.56
C THR C 106 -23.65 1.67 12.83
N LYS C 107 -23.76 2.91 12.35
CA LYS C 107 -24.93 3.35 11.59
C LYS C 107 -24.74 3.17 10.09
N ILE C 108 -23.52 2.81 9.70
CA ILE C 108 -23.20 2.77 8.28
C ILE C 108 -23.31 1.35 7.73
N ARG C 109 -24.14 1.15 6.70
CA ARG C 109 -24.29 -0.17 6.14
C ARG C 109 -23.12 -0.51 5.21
N VAL C 110 -22.19 -1.30 5.72
CA VAL C 110 -21.10 -1.83 4.93
C VAL C 110 -21.50 -3.23 4.49
N ALA C 111 -21.57 -3.41 3.17
CA ALA C 111 -22.05 -4.65 2.58
C ALA C 111 -20.89 -5.31 1.82
N ASN C 112 -20.71 -6.60 2.08
CA ASN C 112 -19.60 -7.37 1.59
C ASN C 112 -20.20 -8.52 0.82
N PHE C 113 -20.12 -8.53 -0.49
CA PHE C 113 -20.69 -9.68 -1.18
C PHE C 113 -19.81 -10.36 -2.21
N ASP C 114 -20.25 -11.52 -2.64
CA ASP C 114 -19.56 -12.33 -3.61
C ASP C 114 -20.62 -13.11 -4.35
N ILE C 115 -20.45 -13.30 -5.65
CA ILE C 115 -21.37 -14.12 -6.42
C ILE C 115 -20.64 -15.29 -7.14
N GLU C 116 -21.38 -16.32 -7.52
CA GLU C 116 -20.87 -17.41 -8.33
C GLU C 116 -21.70 -17.50 -9.60
N VAL C 117 -21.04 -17.85 -10.69
CA VAL C 117 -21.67 -18.01 -11.98
C VAL C 117 -20.99 -19.22 -12.67
N THR C 118 -21.75 -20.30 -12.89
CA THR C 118 -21.25 -21.46 -13.61
C THR C 118 -21.08 -21.14 -15.10
N SER C 119 -19.87 -21.31 -15.62
CA SER C 119 -19.61 -21.04 -17.03
C SER C 119 -18.67 -22.07 -17.61
N PRO C 120 -19.17 -22.93 -18.50
CA PRO C 120 -18.42 -24.02 -19.09
C PRO C 120 -17.70 -23.61 -20.38
N ASP C 121 -18.09 -22.46 -20.93
CA ASP C 121 -17.58 -22.00 -22.23
C ASP C 121 -16.66 -20.78 -22.14
N GLY C 122 -15.88 -20.68 -21.07
CA GLY C 122 -14.93 -19.59 -20.92
C GLY C 122 -15.24 -18.75 -19.69
N PHE C 123 -14.51 -17.66 -19.51
CA PHE C 123 -14.75 -16.77 -18.40
C PHE C 123 -16.05 -15.97 -18.62
N PRO C 124 -16.93 -15.95 -17.63
CA PRO C 124 -18.22 -15.29 -17.77
C PRO C 124 -18.05 -13.77 -17.83
N GLU C 125 -18.06 -13.22 -19.03
CA GLU C 125 -17.82 -11.78 -19.19
C GLU C 125 -18.98 -10.98 -18.63
N PRO C 126 -18.67 -10.10 -17.68
CA PRO C 126 -19.72 -9.30 -17.05
C PRO C 126 -20.57 -8.53 -18.07
N SER C 127 -19.94 -7.99 -19.11
CA SER C 127 -20.71 -7.19 -20.05
C SER C 127 -21.59 -8.09 -20.94
N GLN C 128 -21.34 -9.38 -20.88
CA GLN C 128 -22.17 -10.36 -21.60
C GLN C 128 -23.28 -10.86 -20.70
N ALA C 129 -22.93 -11.18 -19.45
CA ALA C 129 -23.83 -11.77 -18.48
C ALA C 129 -24.79 -12.80 -19.07
N LYS C 130 -24.26 -13.70 -19.91
CA LYS C 130 -25.11 -14.66 -20.60
C LYS C 130 -25.34 -15.92 -19.79
N HIS C 131 -24.74 -15.99 -18.61
CA HIS C 131 -24.89 -17.15 -17.74
C HIS C 131 -25.56 -16.79 -16.42
N PRO C 132 -26.43 -17.68 -15.93
CA PRO C 132 -27.20 -17.44 -14.71
C PRO C 132 -26.31 -17.28 -13.47
N ILE C 133 -26.69 -16.38 -12.58
CA ILE C 133 -26.04 -16.26 -11.29
C ILE C 133 -26.61 -17.34 -10.38
N ASP C 134 -25.77 -18.27 -9.93
CA ASP C 134 -26.30 -19.40 -9.17
C ASP C 134 -25.99 -19.35 -7.68
N ALA C 135 -25.32 -18.29 -7.25
CA ALA C 135 -25.05 -18.12 -5.84
C ALA C 135 -24.68 -16.67 -5.54
N ILE C 136 -25.19 -16.18 -4.43
CA ILE C 136 -24.83 -14.85 -3.95
C ILE C 136 -24.80 -14.89 -2.44
N THR C 137 -23.65 -14.58 -1.86
CA THR C 137 -23.58 -14.38 -0.43
C THR C 137 -23.29 -12.92 -0.21
N HIS C 138 -24.09 -12.33 0.68
CA HIS C 138 -24.08 -10.90 0.90
C HIS C 138 -24.15 -10.68 2.42
N TYR C 139 -23.04 -10.22 2.99
CA TYR C 139 -22.96 -9.97 4.41
C TYR C 139 -23.33 -8.52 4.66
N ASP C 140 -24.15 -8.29 5.69
CA ASP C 140 -24.57 -6.94 6.03
C ASP C 140 -24.03 -6.57 7.40
N SER C 141 -23.25 -5.49 7.47
CA SER C 141 -22.55 -5.12 8.71
C SER C 141 -23.48 -4.73 9.83
N ILE C 142 -24.66 -4.20 9.48
CA ILE C 142 -25.61 -3.75 10.49
C ILE C 142 -26.34 -4.93 11.11
N ASP C 143 -26.96 -5.79 10.30
CA ASP C 143 -27.51 -7.04 10.83
C ASP C 143 -26.41 -8.00 11.34
N ASP C 144 -25.21 -7.92 10.77
CA ASP C 144 -24.16 -8.88 11.11
C ASP C 144 -24.59 -10.28 10.69
N ARG C 145 -25.14 -10.37 9.49
CA ARG C 145 -25.64 -11.65 9.00
C ARG C 145 -25.17 -11.91 7.58
N PHE C 146 -24.94 -13.19 7.29
CA PHE C 146 -24.57 -13.63 5.96
C PHE C 146 -25.85 -14.07 5.26
N TYR C 147 -26.23 -13.33 4.23
CA TYR C 147 -27.44 -13.70 3.50
C TYR C 147 -27.05 -14.48 2.27
N VAL C 148 -27.52 -15.72 2.20
CA VAL C 148 -27.15 -16.63 1.11
C VAL C 148 -28.30 -16.89 0.15
N PHE C 149 -28.08 -16.57 -1.11
CA PHE C 149 -29.07 -16.80 -2.15
C PHE C 149 -28.60 -17.94 -3.04
N ASP C 150 -29.31 -19.06 -3.00
CA ASP C 150 -28.86 -20.29 -3.65
C ASP C 150 -29.78 -20.73 -4.79
N LEU C 151 -29.30 -20.69 -6.03
CA LEU C 151 -30.08 -21.19 -7.16
C LEU C 151 -30.08 -22.72 -7.16
N LEU C 152 -31.27 -23.30 -7.17
CA LEU C 152 -31.39 -24.76 -7.14
C LEU C 152 -31.54 -25.32 -8.54
N ASN C 153 -32.17 -24.55 -9.42
CA ASN C 153 -32.39 -25.02 -10.78
C ASN C 153 -31.84 -24.06 -11.82
N SER C 154 -30.99 -24.62 -12.67
CA SER C 154 -30.29 -23.88 -13.70
C SER C 154 -30.17 -24.78 -14.93
N PRO C 155 -29.90 -24.18 -16.09
CA PRO C 155 -29.58 -24.99 -17.27
C PRO C 155 -28.35 -25.84 -17.05
N TYR C 156 -27.53 -25.51 -16.05
CA TYR C 156 -26.29 -26.25 -15.84
C TYR C 156 -26.38 -27.28 -14.73
N GLY C 157 -27.59 -27.43 -14.18
CA GLY C 157 -27.85 -28.51 -13.25
C GLY C 157 -28.88 -28.16 -12.21
N ASN C 158 -29.65 -29.17 -11.80
CA ASN C 158 -30.61 -29.02 -10.72
C ASN C 158 -30.06 -29.69 -9.47
N VAL C 159 -30.08 -28.96 -8.35
CA VAL C 159 -29.40 -29.44 -7.17
C VAL C 159 -30.29 -29.46 -5.93
N GLU C 160 -29.77 -30.09 -4.87
CA GLU C 160 -30.48 -30.12 -3.61
C GLU C 160 -30.03 -28.96 -2.72
N GLU C 161 -30.72 -28.73 -1.61
CA GLU C 161 -30.42 -27.61 -0.74
C GLU C 161 -29.07 -27.78 -0.05
N TRP C 162 -28.34 -26.69 0.07
CA TRP C 162 -27.12 -26.65 0.88
C TRP C 162 -27.48 -27.03 2.31
N SER C 163 -26.58 -27.74 2.98
CA SER C 163 -26.81 -28.23 4.32
C SER C 163 -25.88 -27.56 5.31
N ILE C 164 -26.46 -26.76 6.21
CA ILE C 164 -25.66 -26.05 7.20
C ILE C 164 -24.98 -27.05 8.14
N GLU C 165 -25.65 -28.17 8.38
CA GLU C 165 -25.07 -29.21 9.23
C GLU C 165 -23.75 -29.69 8.64
N ILE C 166 -23.77 -30.06 7.37
CA ILE C 166 -22.57 -30.58 6.73
C ILE C 166 -21.52 -29.49 6.59
N ALA C 167 -21.98 -28.27 6.32
CA ALA C 167 -21.10 -27.12 6.24
C ALA C 167 -20.21 -27.00 7.48
N ALA C 168 -20.80 -27.21 8.66
CA ALA C 168 -20.08 -27.08 9.92
C ALA C 168 -19.04 -28.19 10.19
N LYS C 169 -19.28 -29.39 9.67
CA LYS C 169 -18.39 -30.50 10.00
C LYS C 169 -16.98 -30.24 9.49
N LEU C 170 -16.00 -30.85 10.16
CA LEU C 170 -14.62 -30.77 9.69
C LEU C 170 -14.49 -31.21 8.24
N GLN C 171 -13.51 -30.65 7.54
CA GLN C 171 -13.20 -31.14 6.21
C GLN C 171 -12.88 -32.61 6.28
N GLU C 172 -12.31 -33.03 7.40
CA GLU C 172 -11.89 -34.41 7.55
C GLU C 172 -13.08 -35.34 7.74
N GLN C 173 -14.26 -34.76 7.96
CA GLN C 173 -15.51 -35.54 8.11
C GLN C 173 -16.45 -35.40 6.92
N GLY C 174 -15.97 -34.82 5.82
CA GLY C 174 -16.80 -34.62 4.66
C GLY C 174 -17.47 -33.26 4.64
N GLY C 175 -17.35 -32.53 5.74
CA GLY C 175 -17.93 -31.20 5.85
C GLY C 175 -17.11 -30.17 5.11
N ASP C 176 -17.46 -28.89 5.24
CA ASP C 176 -16.73 -27.83 4.55
C ASP C 176 -16.00 -26.93 5.52
N GLU C 177 -16.15 -27.22 6.81
CA GLU C 177 -15.49 -26.48 7.90
C GLU C 177 -15.80 -24.99 7.91
N VAL C 178 -17.03 -24.61 7.59
CA VAL C 178 -17.45 -23.23 7.80
C VAL C 178 -17.28 -22.90 9.29
N PRO C 179 -16.49 -21.86 9.60
CA PRO C 179 -16.10 -21.58 10.97
C PRO C 179 -17.29 -21.47 11.88
N SER C 180 -17.19 -22.10 13.04
CA SER C 180 -18.29 -22.10 13.99
C SER C 180 -18.78 -20.68 14.29
N GLU C 181 -17.89 -19.69 14.28
CA GLU C 181 -18.28 -18.35 14.72
C GLU C 181 -19.24 -17.61 13.79
N ILE C 182 -19.49 -18.14 12.60
CA ILE C 182 -20.42 -17.49 11.68
C ILE C 182 -21.55 -18.43 11.31
N ILE C 183 -21.47 -19.67 11.75
CA ILE C 183 -22.52 -20.63 11.45
C ILE C 183 -23.88 -20.09 11.90
N ASP C 184 -23.91 -19.42 13.05
CA ASP C 184 -25.18 -18.90 13.56
C ASP C 184 -25.65 -17.64 12.81
N LYS C 185 -24.75 -17.05 12.03
CA LYS C 185 -25.00 -15.76 11.38
C LYS C 185 -25.45 -15.91 9.95
N ILE C 186 -25.90 -17.10 9.60
CA ILE C 186 -26.23 -17.40 8.22
C ILE C 186 -27.71 -17.55 7.99
N ILE C 187 -28.20 -16.71 7.09
CA ILE C 187 -29.58 -16.75 6.69
C ILE C 187 -29.62 -17.29 5.27
N TYR C 188 -30.07 -18.54 5.15
CA TYR C 188 -30.00 -19.27 3.90
C TYR C 188 -31.33 -19.26 3.13
N MET C 189 -31.29 -18.88 1.86
CA MET C 189 -32.51 -18.80 1.05
C MET C 189 -32.35 -19.49 -0.30
N PRO C 190 -32.86 -20.72 -0.45
CA PRO C 190 -32.80 -21.42 -1.73
C PRO C 190 -33.89 -20.95 -2.68
N PHE C 191 -33.61 -20.93 -3.98
CA PHE C 191 -34.60 -20.49 -4.94
C PHE C 191 -34.80 -21.49 -6.05
N ASP C 192 -36.03 -21.56 -6.56
CA ASP C 192 -36.42 -22.53 -7.57
C ASP C 192 -36.01 -22.11 -8.97
N ASN C 193 -35.84 -20.81 -9.17
CA ASN C 193 -35.34 -20.30 -10.44
C ASN C 193 -34.72 -18.93 -10.25
N GLU C 194 -33.85 -18.56 -11.20
CA GLU C 194 -32.99 -17.39 -11.11
C GLU C 194 -33.77 -16.07 -11.02
N LYS C 195 -34.85 -15.97 -11.76
CA LYS C 195 -35.70 -14.80 -11.71
C LYS C 195 -36.20 -14.56 -10.29
N GLU C 196 -36.64 -15.63 -9.65
CA GLU C 196 -37.12 -15.48 -8.28
C GLU C 196 -35.96 -15.04 -7.39
N LEU C 197 -34.79 -15.63 -7.58
CA LEU C 197 -33.59 -15.25 -6.83
C LEU C 197 -33.27 -13.76 -6.98
N LEU C 198 -33.18 -13.29 -8.22
CA LEU C 198 -32.79 -11.92 -8.45
C LEU C 198 -33.85 -10.92 -7.94
N MET C 199 -35.13 -11.25 -8.12
CA MET C 199 -36.18 -10.36 -7.64
C MET C 199 -36.09 -10.19 -6.11
N GLU C 200 -35.90 -11.29 -5.41
CA GLU C 200 -35.81 -11.21 -3.96
C GLU C 200 -34.57 -10.40 -3.59
N TYR C 201 -33.43 -10.72 -4.21
CA TYR C 201 -32.20 -9.94 -4.00
C TYR C 201 -32.42 -8.42 -4.07
N LEU C 202 -32.98 -7.93 -5.17
CA LEU C 202 -33.29 -6.51 -5.27
C LEU C 202 -34.19 -6.02 -4.13
N ASN C 203 -35.23 -6.77 -3.80
CA ASN C 203 -36.09 -6.41 -2.66
C ASN C 203 -35.27 -6.32 -1.39
N PHE C 204 -34.42 -7.32 -1.19
CA PHE C 204 -33.50 -7.35 -0.07
C PHE C 204 -32.61 -6.12 -0.11
N TRP C 205 -32.03 -5.85 -1.28
CA TRP C 205 -31.19 -4.68 -1.51
C TRP C 205 -31.88 -3.36 -1.16
N GLN C 206 -33.10 -3.16 -1.69
CA GLN C 206 -33.89 -1.97 -1.37
C GLN C 206 -34.03 -1.78 0.13
N GLN C 207 -34.21 -2.89 0.84
CA GLN C 207 -34.40 -2.82 2.27
C GLN C 207 -33.09 -2.52 3.01
N LYS C 208 -32.03 -3.23 2.64
CA LYS C 208 -30.75 -2.99 3.28
C LYS C 208 -29.76 -2.48 2.24
N THR C 209 -29.99 -1.25 1.80
CA THR C 209 -29.18 -0.65 0.75
C THR C 209 -27.75 -0.36 1.23
N PRO C 210 -26.77 -1.02 0.61
CA PRO C 210 -25.38 -0.77 0.94
C PRO C 210 -25.05 0.71 0.84
N VAL C 211 -24.23 1.20 1.76
CA VAL C 211 -23.64 2.52 1.65
C VAL C 211 -22.24 2.34 1.09
N ILE C 212 -21.44 1.59 1.85
CA ILE C 212 -20.17 1.11 1.40
C ILE C 212 -20.43 -0.27 0.84
N LEU C 213 -20.03 -0.49 -0.40
CA LEU C 213 -20.17 -1.79 -1.02
C LEU C 213 -18.78 -2.33 -1.33
N THR C 214 -18.43 -3.46 -0.73
CA THR C 214 -17.11 -4.03 -0.92
C THR C 214 -17.20 -5.54 -1.19
N GLY C 215 -16.04 -6.22 -1.14
CA GLY C 215 -15.91 -7.61 -1.59
C GLY C 215 -14.60 -7.76 -2.34
N TRP C 216 -14.44 -8.84 -3.11
CA TRP C 216 -13.17 -9.05 -3.83
C TRP C 216 -13.34 -9.05 -5.33
N ASN C 217 -12.81 -8.02 -5.99
CA ASN C 217 -13.08 -7.79 -7.41
C ASN C 217 -14.51 -7.41 -7.72
N VAL C 218 -15.24 -6.89 -6.74
CA VAL C 218 -16.65 -6.58 -6.98
C VAL C 218 -16.82 -5.51 -8.05
N GLU C 219 -15.84 -4.62 -8.17
CA GLU C 219 -16.00 -3.52 -9.10
C GLU C 219 -15.82 -3.94 -10.56
N SER C 220 -14.90 -4.86 -10.80
CA SER C 220 -14.65 -5.32 -12.15
C SER C 220 -15.44 -6.59 -12.47
N PHE C 221 -15.99 -7.24 -11.45
CA PHE C 221 -16.78 -8.44 -11.72
C PHE C 221 -18.17 -8.50 -11.09
N ALA C 222 -18.27 -8.80 -9.80
CA ALA C 222 -19.59 -8.99 -9.19
C ALA C 222 -20.61 -7.90 -9.60
N ILE C 223 -20.25 -6.64 -9.37
CA ILE C 223 -21.19 -5.57 -9.66
C ILE C 223 -21.61 -5.53 -11.13
N PRO C 224 -20.65 -5.40 -12.06
CA PRO C 224 -21.09 -5.31 -13.44
C PRO C 224 -21.86 -6.56 -13.91
N TYR C 225 -21.54 -7.72 -13.35
CA TYR C 225 -22.27 -8.93 -13.70
C TYR C 225 -23.74 -8.95 -13.21
N VAL C 226 -23.93 -8.68 -11.92
CA VAL C 226 -25.30 -8.58 -11.40
C VAL C 226 -26.04 -7.52 -12.21
N TYR C 227 -25.45 -6.35 -12.38
CA TYR C 227 -26.13 -5.28 -13.09
C TYR C 227 -26.57 -5.72 -14.48
N ASN C 228 -25.67 -6.37 -15.21
CA ASN C 228 -25.94 -6.76 -16.61
C ASN C 228 -26.82 -8.00 -16.78
N ARG C 229 -26.78 -8.89 -15.79
CA ARG C 229 -27.62 -10.09 -15.83
C ARG C 229 -29.08 -9.71 -15.52
N ILE C 230 -29.27 -8.83 -14.55
CA ILE C 230 -30.61 -8.31 -14.26
C ILE C 230 -31.10 -7.52 -15.47
N LYS C 231 -30.22 -6.74 -16.08
CA LYS C 231 -30.59 -5.95 -17.25
C LYS C 231 -31.00 -6.84 -18.43
N ASN C 232 -30.32 -7.97 -18.59
CA ASN C 232 -30.62 -8.88 -19.69
C ASN C 232 -31.97 -9.58 -19.53
N ILE C 233 -32.33 -9.85 -18.27
CA ILE C 233 -33.51 -10.65 -17.93
C ILE C 233 -34.75 -9.78 -17.73
N PHE C 234 -34.57 -8.65 -17.04
CA PHE C 234 -35.68 -7.79 -16.64
C PHE C 234 -35.71 -6.43 -17.34
N GLY C 235 -34.57 -5.97 -17.83
CA GLY C 235 -34.51 -4.64 -18.41
C GLY C 235 -33.76 -3.65 -17.54
N GLU C 236 -33.41 -2.50 -18.12
CA GLU C 236 -32.57 -1.51 -17.45
C GLU C 236 -33.19 -0.99 -16.14
N SER C 237 -34.45 -0.58 -16.21
CA SER C 237 -35.08 0.08 -15.08
C SER C 237 -34.95 -0.76 -13.83
N THR C 238 -35.21 -2.06 -13.96
CA THR C 238 -35.08 -2.96 -12.82
C THR C 238 -33.63 -3.04 -12.38
N ALA C 239 -32.71 -3.06 -13.35
CA ALA C 239 -31.30 -3.17 -13.01
C ALA C 239 -30.83 -1.92 -12.28
N LYS C 240 -31.40 -0.78 -12.65
CA LYS C 240 -31.03 0.49 -12.03
C LYS C 240 -31.47 0.56 -10.56
N ARG C 241 -32.28 -0.41 -10.14
CA ARG C 241 -32.71 -0.49 -8.75
C ARG C 241 -31.56 -0.72 -7.79
N LEU C 242 -30.41 -1.13 -8.32
CA LEU C 242 -29.21 -1.28 -7.51
C LEU C 242 -28.76 0.08 -7.01
N SER C 243 -29.34 1.12 -7.62
CA SER C 243 -29.03 2.48 -7.23
C SER C 243 -30.17 3.06 -6.40
N PRO C 244 -29.87 3.53 -5.18
CA PRO C 244 -30.98 4.09 -4.42
C PRO C 244 -31.66 5.24 -5.17
N HIS C 245 -30.95 5.90 -6.08
CA HIS C 245 -31.55 6.95 -6.87
C HIS C 245 -31.89 6.48 -8.27
N ARG C 246 -31.84 5.18 -8.48
CA ARG C 246 -32.16 4.65 -9.81
C ARG C 246 -31.33 5.32 -10.91
N LYS C 247 -30.09 5.71 -10.59
CA LYS C 247 -29.22 6.21 -11.63
C LYS C 247 -27.91 5.46 -11.69
N THR C 248 -27.60 4.93 -12.86
CA THR C 248 -26.32 4.27 -13.05
C THR C 248 -25.66 4.80 -14.30
N ARG C 249 -24.35 4.64 -14.36
CA ARG C 249 -23.59 5.11 -15.49
C ARG C 249 -22.57 4.05 -15.80
N VAL C 250 -22.56 3.63 -17.04
CA VAL C 250 -21.50 2.80 -17.52
C VAL C 250 -20.28 3.68 -17.44
N LYS C 251 -19.14 3.08 -17.20
CA LYS C 251 -18.01 3.91 -16.93
C LYS C 251 -16.68 3.25 -17.20
N VAL C 252 -15.75 4.05 -17.67
CA VAL C 252 -14.38 3.62 -17.85
C VAL C 252 -13.56 4.80 -18.17
N ILE C 253 -12.25 4.65 -18.15
CA ILE C 253 -11.51 3.71 -17.34
C ILE C 253 -10.16 4.38 -17.09
N GLU C 254 -9.15 3.86 -17.79
CA GLU C 254 -7.86 4.56 -18.02
C GLU C 254 -6.70 3.69 -18.51
N ASN C 255 -6.70 3.42 -19.80
CA ASN C 255 -5.49 3.02 -20.53
C ASN C 255 -4.75 1.72 -20.19
N MET C 256 -3.47 1.74 -20.51
CA MET C 256 -2.99 2.90 -21.28
C MET C 256 -2.93 2.81 -22.83
N TYR C 257 -2.92 1.64 -23.47
CA TYR C 257 -2.82 0.27 -22.91
C TYR C 257 -4.06 -0.61 -23.14
N GLY C 258 -5.25 -0.01 -23.06
CA GLY C 258 -6.50 -0.73 -23.24
C GLY C 258 -7.64 -0.08 -22.46
N SER C 259 -8.66 -0.84 -22.08
CA SER C 259 -9.78 -0.31 -21.27
C SER C 259 -10.67 -1.37 -20.63
N ARG C 260 -11.49 -0.97 -19.66
CA ARG C 260 -12.44 -1.89 -19.00
C ARG C 260 -13.72 -1.17 -18.60
N GLU C 261 -14.83 -1.90 -18.49
CA GLU C 261 -16.08 -1.21 -18.14
C GLU C 261 -16.61 -1.55 -16.75
N ILE C 262 -16.91 -0.49 -16.01
CA ILE C 262 -17.48 -0.63 -14.69
C ILE C 262 -18.82 0.10 -14.65
N ILE C 263 -19.65 -0.24 -13.69
CA ILE C 263 -20.94 0.41 -13.59
C ILE C 263 -20.91 1.32 -12.38
N THR C 264 -21.19 2.59 -12.60
CA THR C 264 -21.25 3.54 -11.51
C THR C 264 -22.68 3.58 -10.97
N LEU C 265 -22.85 3.06 -9.77
CA LEU C 265 -24.14 3.08 -9.11
C LEU C 265 -24.21 4.35 -8.29
N PHE C 266 -25.01 5.32 -8.73
CA PHE C 266 -25.18 6.54 -7.96
C PHE C 266 -25.81 6.24 -6.61
N GLY C 267 -25.29 6.91 -5.58
CA GLY C 267 -25.82 6.76 -4.24
C GLY C 267 -25.16 5.63 -3.47
N ILE C 268 -24.14 5.03 -4.07
CA ILE C 268 -23.37 3.98 -3.41
C ILE C 268 -21.87 4.30 -3.48
N SER C 269 -21.14 3.90 -2.45
CA SER C 269 -19.72 4.15 -2.37
C SER C 269 -19.00 2.81 -2.42
N VAL C 270 -18.45 2.49 -3.57
CA VAL C 270 -17.86 1.18 -3.80
C VAL C 270 -16.37 1.18 -3.44
N LEU C 271 -15.99 0.36 -2.46
CA LEU C 271 -14.58 0.21 -2.09
C LEU C 271 -14.18 -1.24 -2.29
N ASP C 272 -13.82 -1.58 -3.53
CA ASP C 272 -13.45 -2.95 -3.89
C ASP C 272 -12.26 -3.29 -3.02
N TYR C 273 -12.30 -4.40 -2.31
CA TYR C 273 -11.27 -4.65 -1.34
C TYR C 273 -9.92 -4.91 -2.00
N ILE C 274 -9.94 -5.38 -3.24
CA ILE C 274 -8.68 -5.57 -3.94
C ILE C 274 -7.96 -4.25 -4.17
N ASP C 275 -8.73 -3.23 -4.52
CA ASP C 275 -8.15 -1.92 -4.74
C ASP C 275 -7.70 -1.30 -3.44
N LEU C 276 -8.52 -1.47 -2.40
CA LEU C 276 -8.15 -1.06 -1.04
C LEU C 276 -6.86 -1.74 -0.61
N TYR C 277 -6.77 -3.04 -0.84
CA TYR C 277 -5.54 -3.78 -0.54
C TYR C 277 -4.33 -3.19 -1.28
N LYS C 278 -4.52 -2.93 -2.56
CA LYS C 278 -3.42 -2.43 -3.39
C LYS C 278 -2.89 -1.07 -2.96
N LYS C 279 -3.77 -0.21 -2.46
CA LYS C 279 -3.34 1.14 -2.13
C LYS C 279 -2.78 1.23 -0.73
N PHE C 280 -3.34 0.44 0.17
CA PHE C 280 -3.13 0.63 1.60
C PHE C 280 -2.22 -0.42 2.23
N SER C 281 -2.09 -1.56 1.57
CA SER C 281 -1.33 -2.68 2.14
C SER C 281 0.20 -2.55 2.04
N PHE C 282 0.70 -1.80 1.07
CA PHE C 282 2.15 -1.72 0.80
C PHE C 282 2.81 -3.07 0.77
N THR C 283 2.32 -3.89 -0.15
CA THR C 283 2.97 -5.12 -0.47
C THR C 283 2.88 -5.16 -1.99
N ASN C 284 3.74 -5.92 -2.63
CA ASN C 284 3.53 -6.23 -4.03
C ASN C 284 3.44 -7.74 -4.12
N GLN C 285 2.27 -8.25 -4.49
CA GLN C 285 2.01 -9.68 -4.46
C GLN C 285 2.22 -10.32 -5.82
N PRO C 286 2.71 -11.56 -5.83
CA PRO C 286 2.82 -12.38 -7.03
C PRO C 286 1.45 -12.58 -7.67
N SER C 287 0.43 -12.73 -6.83
CA SER C 287 -0.94 -12.89 -7.29
C SER C 287 -1.91 -12.10 -6.40
N TYR C 288 -3.03 -11.66 -6.95
CA TYR C 288 -4.06 -11.02 -6.14
C TYR C 288 -5.36 -11.81 -6.15
N SER C 289 -5.25 -13.13 -6.34
CA SER C 289 -6.38 -13.98 -6.10
C SER C 289 -6.66 -13.92 -4.60
N LEU C 290 -7.93 -13.96 -4.23
CA LEU C 290 -8.34 -14.01 -2.84
C LEU C 290 -7.71 -15.18 -2.10
N ASP C 291 -7.59 -16.32 -2.77
CA ASP C 291 -6.92 -17.46 -2.17
C ASP C 291 -5.52 -17.10 -1.71
N TYR C 292 -4.73 -16.60 -2.66
CA TYR C 292 -3.36 -16.20 -2.37
C TYR C 292 -3.30 -15.15 -1.28
N ILE C 293 -4.13 -14.12 -1.38
CA ILE C 293 -4.10 -13.04 -0.41
C ILE C 293 -4.54 -13.54 0.97
N SER C 294 -5.54 -14.43 1.00
CA SER C 294 -6.01 -14.99 2.26
C SER C 294 -4.88 -15.71 2.99
N GLU C 295 -4.19 -16.56 2.27
CA GLU C 295 -3.14 -17.35 2.88
C GLU C 295 -2.03 -16.42 3.31
N PHE C 296 -1.78 -15.38 2.52
CA PHE C 296 -0.72 -14.49 2.89
C PHE C 296 -1.06 -13.77 4.20
N GLU C 297 -2.27 -13.22 4.28
CA GLU C 297 -2.64 -12.32 5.37
C GLU C 297 -3.05 -13.06 6.66
N LEU C 298 -3.66 -14.24 6.51
CA LEU C 298 -4.31 -14.93 7.62
C LEU C 298 -3.65 -16.28 7.88
N ASN C 299 -2.87 -16.76 6.92
CA ASN C 299 -2.26 -18.08 7.01
C ASN C 299 -3.33 -19.17 7.07
N VAL C 300 -4.36 -19.03 6.27
CA VAL C 300 -5.38 -20.07 6.11
C VAL C 300 -5.12 -20.80 4.81
N GLY C 301 -5.13 -22.13 4.87
CA GLY C 301 -4.91 -22.94 3.67
C GLY C 301 -6.00 -22.67 2.63
N LYS C 302 -5.59 -22.48 1.39
CA LYS C 302 -6.53 -22.21 0.28
C LYS C 302 -7.71 -23.20 0.23
N LEU C 303 -8.90 -22.70 -0.08
CA LEU C 303 -10.07 -23.57 -0.18
C LEU C 303 -9.91 -24.55 -1.35
N LYS C 304 -9.90 -25.84 -1.02
CA LYS C 304 -9.68 -26.87 -2.02
C LYS C 304 -10.98 -27.50 -2.53
N TYR C 305 -10.95 -27.97 -3.77
CA TYR C 305 -12.06 -28.67 -4.38
C TYR C 305 -11.51 -29.39 -5.60
N ASP C 306 -12.15 -30.51 -5.95
CA ASP C 306 -11.75 -31.26 -7.12
C ASP C 306 -12.52 -30.76 -8.35
N GLY C 307 -11.94 -30.98 -9.53
CA GLY C 307 -12.53 -30.53 -10.78
C GLY C 307 -12.36 -29.02 -10.95
N PRO C 308 -12.73 -28.51 -12.13
CA PRO C 308 -12.77 -27.05 -12.34
C PRO C 308 -13.98 -26.43 -11.64
N ILE C 309 -13.88 -25.13 -11.35
CA ILE C 309 -14.96 -24.41 -10.70
C ILE C 309 -16.24 -24.53 -11.51
N SER C 310 -16.07 -24.65 -12.82
CA SER C 310 -17.21 -24.65 -13.74
C SER C 310 -17.99 -25.97 -13.69
N LYS C 311 -17.49 -26.93 -12.92
CA LYS C 311 -18.19 -28.20 -12.74
C LYS C 311 -18.53 -28.41 -11.25
N LEU C 312 -18.02 -27.52 -10.41
CA LEU C 312 -18.18 -27.64 -8.97
C LEU C 312 -19.63 -27.65 -8.51
N ARG C 313 -20.42 -26.71 -9.00
CA ARG C 313 -21.80 -26.63 -8.58
C ARG C 313 -22.52 -27.96 -8.78
N GLU C 314 -22.38 -28.53 -9.97
CA GLU C 314 -23.14 -29.73 -10.33
C GLU C 314 -22.58 -31.04 -9.76
N SER C 315 -21.30 -31.06 -9.41
CA SER C 315 -20.74 -32.28 -8.83
C SER C 315 -20.71 -32.18 -7.31
N ASN C 316 -20.75 -30.95 -6.79
CA ASN C 316 -20.67 -30.75 -5.35
C ASN C 316 -21.22 -29.41 -4.90
N HIS C 317 -22.52 -29.23 -5.14
CA HIS C 317 -23.23 -28.03 -4.77
C HIS C 317 -22.98 -27.68 -3.31
N GLN C 318 -22.89 -28.71 -2.47
CA GLN C 318 -22.64 -28.49 -1.04
C GLN C 318 -21.42 -27.59 -0.85
N ARG C 319 -20.32 -27.97 -1.48
CA ARG C 319 -19.08 -27.24 -1.30
C ARG C 319 -19.13 -25.91 -2.02
N TYR C 320 -19.79 -25.90 -3.17
CA TYR C 320 -19.91 -24.69 -3.99
C TYR C 320 -20.45 -23.54 -3.14
N ILE C 321 -21.60 -23.78 -2.49
CA ILE C 321 -22.22 -22.78 -1.66
C ILE C 321 -21.33 -22.42 -0.47
N SER C 322 -20.81 -23.44 0.22
CA SER C 322 -19.96 -23.20 1.37
C SER C 322 -18.76 -22.35 1.03
N TYR C 323 -18.23 -22.54 -0.16
CA TYR C 323 -17.06 -21.77 -0.54
CA TYR C 323 -17.08 -21.80 -0.68
C TYR C 323 -17.46 -20.34 -0.91
N ASN C 324 -18.67 -20.15 -1.40
CA ASN C 324 -19.14 -18.81 -1.65
C ASN C 324 -19.27 -18.06 -0.32
N ILE C 325 -19.73 -18.74 0.73
CA ILE C 325 -19.82 -18.10 2.04
C ILE C 325 -18.44 -17.78 2.60
N ILE C 326 -17.54 -18.76 2.57
CA ILE C 326 -16.20 -18.53 3.11
C ILE C 326 -15.49 -17.39 2.38
N ALA C 327 -15.69 -17.30 1.07
CA ALA C 327 -15.10 -16.19 0.30
C ALA C 327 -15.50 -14.82 0.91
N VAL C 328 -16.75 -14.69 1.26
CA VAL C 328 -17.22 -13.41 1.79
C VAL C 328 -16.51 -13.18 3.12
N TYR C 329 -16.38 -14.24 3.91
CA TYR C 329 -15.78 -14.17 5.24
C TYR C 329 -14.30 -13.84 5.23
N ARG C 330 -13.53 -14.50 4.36
CA ARG C 330 -12.10 -14.24 4.27
C ARG C 330 -11.84 -12.73 4.16
N VAL C 331 -12.63 -12.06 3.32
CA VAL C 331 -12.51 -10.62 3.15
C VAL C 331 -12.79 -9.87 4.47
N LEU C 332 -13.82 -10.29 5.20
CA LEU C 332 -14.12 -9.70 6.52
C LEU C 332 -12.93 -9.88 7.47
N GLN C 333 -12.32 -11.06 7.37
CA GLN C 333 -11.15 -11.40 8.17
C GLN C 333 -9.93 -10.59 7.81
N ILE C 334 -9.72 -10.34 6.53
CA ILE C 334 -8.61 -9.48 6.18
C ILE C 334 -8.83 -8.08 6.75
N ASP C 335 -10.02 -7.53 6.56
CA ASP C 335 -10.32 -6.21 7.07
C ASP C 335 -10.23 -6.07 8.60
N ALA C 336 -10.63 -7.10 9.33
CA ALA C 336 -10.54 -7.02 10.79
C ALA C 336 -9.09 -6.84 11.20
N LYS C 337 -8.20 -7.40 10.40
CA LYS C 337 -6.76 -7.28 10.62
C LYS C 337 -6.17 -5.96 10.10
N ARG C 338 -6.41 -5.68 8.81
CA ARG C 338 -5.78 -4.56 8.14
C ARG C 338 -6.54 -3.26 8.33
N GLN C 339 -7.85 -3.39 8.52
CA GLN C 339 -8.75 -2.29 8.87
C GLN C 339 -8.78 -1.16 7.85
N PHE C 340 -8.85 -1.52 6.57
CA PHE C 340 -8.86 -0.53 5.51
C PHE C 340 -10.19 0.19 5.38
N ILE C 341 -11.28 -0.47 5.75
CA ILE C 341 -12.60 0.17 5.72
C ILE C 341 -12.64 1.32 6.73
N ASN C 342 -12.22 1.06 7.96
CA ASN C 342 -12.13 2.10 8.99
CA ASN C 342 -12.18 2.13 8.95
C ASN C 342 -11.29 3.28 8.49
N LEU C 343 -10.10 2.96 7.97
CA LEU C 343 -9.18 3.97 7.45
C LEU C 343 -9.83 4.84 6.38
N SER C 344 -10.62 4.21 5.53
CA SER C 344 -11.24 4.92 4.43
C SER C 344 -12.27 5.92 4.96
N LEU C 345 -13.11 5.46 5.89
CA LEU C 345 -14.12 6.31 6.50
C LEU C 345 -13.46 7.48 7.20
N ASP C 346 -12.40 7.20 7.96
CA ASP C 346 -11.68 8.25 8.67
C ASP C 346 -11.27 9.36 7.69
N MET C 347 -10.56 8.96 6.63
CA MET C 347 -10.04 9.90 5.63
C MET C 347 -11.16 10.62 4.87
N GLY C 348 -12.19 9.88 4.47
CA GLY C 348 -13.25 10.49 3.67
C GLY C 348 -14.04 11.52 4.46
N TYR C 349 -14.31 11.21 5.72
CA TYR C 349 -15.02 12.17 6.57
C TYR C 349 -14.13 13.34 6.97
N TYR C 350 -12.84 13.07 7.13
CA TYR C 350 -11.90 14.10 7.48
C TYR C 350 -11.89 15.18 6.40
N ALA C 351 -11.85 14.72 5.16
CA ALA C 351 -11.70 15.58 4.00
C ALA C 351 -13.05 16.09 3.55
N LYS C 352 -14.09 15.33 3.91
CA LYS C 352 -15.44 15.63 3.46
C LYS C 352 -15.57 15.40 1.97
N ILE C 353 -15.30 14.16 1.55
CA ILE C 353 -15.43 13.78 0.16
C ILE C 353 -16.26 12.54 0.12
N GLN C 354 -16.71 12.19 -1.09
CA GLN C 354 -17.22 10.84 -1.33
C GLN C 354 -16.16 9.90 -0.76
N ILE C 355 -16.60 8.88 -0.03
CA ILE C 355 -15.67 7.95 0.58
C ILE C 355 -14.75 7.37 -0.49
N GLN C 356 -15.30 7.01 -1.63
CA GLN C 356 -14.51 6.33 -2.66
C GLN C 356 -13.40 7.21 -3.22
N SER C 357 -13.41 8.50 -2.86
CA SER C 357 -12.40 9.42 -3.33
C SER C 357 -11.11 9.33 -2.52
N VAL C 358 -11.14 8.58 -1.44
CA VAL C 358 -9.89 8.27 -0.74
C VAL C 358 -8.85 7.64 -1.70
N PHE C 359 -9.30 7.08 -2.81
CA PHE C 359 -8.36 6.48 -3.77
C PHE C 359 -7.58 7.55 -4.53
N SER C 360 -7.98 8.79 -4.35
CA SER C 360 -7.40 9.92 -5.07
C SER C 360 -6.93 11.01 -4.11
N PRO C 361 -5.62 11.12 -3.93
CA PRO C 361 -5.04 12.13 -3.04
C PRO C 361 -5.25 13.52 -3.58
N ILE C 362 -5.44 13.64 -4.89
CA ILE C 362 -5.68 14.94 -5.48
C ILE C 362 -7.09 15.40 -5.09
N LYS C 363 -8.08 14.54 -5.29
CA LYS C 363 -9.45 14.85 -4.87
C LYS C 363 -9.51 15.10 -3.36
N THR C 364 -8.81 14.28 -2.60
CA THR C 364 -8.77 14.39 -1.14
C THR C 364 -8.19 15.73 -0.67
N TRP C 365 -7.09 16.17 -1.27
CA TRP C 365 -6.45 17.39 -0.80
C TRP C 365 -7.14 18.65 -1.31
N ASP C 366 -7.75 18.55 -2.48
CA ASP C 366 -8.53 19.66 -2.98
C ASP C 366 -9.55 19.97 -1.90
N ALA C 367 -10.19 18.92 -1.41
CA ALA C 367 -11.31 19.08 -0.49
C ALA C 367 -10.84 19.60 0.85
N ILE C 368 -9.79 19.00 1.42
CA ILE C 368 -9.22 19.52 2.65
C ILE C 368 -8.86 21.00 2.51
N ILE C 369 -8.23 21.37 1.41
CA ILE C 369 -7.70 22.72 1.29
C ILE C 369 -8.84 23.72 1.11
N PHE C 370 -9.79 23.35 0.27
CA PHE C 370 -11.01 24.12 0.04
C PHE C 370 -11.81 24.40 1.31
N ASN C 371 -11.98 23.39 2.17
CA ASN C 371 -12.74 23.58 3.41
C ASN C 371 -12.00 24.46 4.40
N SER C 372 -10.69 24.32 4.40
CA SER C 372 -9.84 25.12 5.25
C SER C 372 -9.91 26.58 4.81
N LEU C 373 -9.82 26.82 3.50
CA LEU C 373 -9.83 28.18 2.97
C LEU C 373 -11.21 28.81 3.14
N LYS C 374 -12.25 28.04 2.83
CA LYS C 374 -13.61 28.54 2.92
C LYS C 374 -13.90 29.06 4.32
N GLU C 375 -13.29 28.42 5.32
CA GLU C 375 -13.44 28.83 6.72
C GLU C 375 -13.05 30.29 6.99
N GLN C 376 -12.12 30.82 6.19
CA GLN C 376 -11.61 32.18 6.37
C GLN C 376 -12.20 33.11 5.30
N ASN C 377 -13.28 32.67 4.65
CA ASN C 377 -13.86 33.39 3.52
C ASN C 377 -12.89 33.62 2.38
N LYS C 378 -11.99 32.67 2.18
CA LYS C 378 -11.08 32.75 1.05
C LYS C 378 -11.59 31.90 -0.08
N VAL C 379 -11.24 32.28 -1.30
CA VAL C 379 -11.72 31.65 -2.51
C VAL C 379 -10.59 30.92 -3.24
N ILE C 380 -10.84 29.68 -3.65
CA ILE C 380 -9.82 28.89 -4.33
C ILE C 380 -9.69 29.26 -5.80
N PRO C 381 -8.49 29.10 -6.35
CA PRO C 381 -8.20 29.41 -7.75
C PRO C 381 -8.87 28.41 -8.69
N GLN C 382 -9.05 28.82 -9.94
CA GLN C 382 -9.54 27.89 -10.95
C GLN C 382 -8.44 26.89 -11.32
N GLY C 383 -8.84 25.65 -11.56
CA GLY C 383 -7.92 24.64 -12.03
C GLY C 383 -7.61 24.90 -13.49
N ARG C 384 -6.33 24.88 -13.84
CA ARG C 384 -5.89 25.20 -15.20
C ARG C 384 -5.16 24.01 -15.82
N SER C 385 -5.05 23.99 -17.15
CA SER C 385 -4.33 22.92 -17.79
C SER C 385 -2.85 23.29 -17.89
N HIS C 386 -2.01 22.28 -17.74
CA HIS C 386 -0.57 22.46 -17.82
C HIS C 386 -0.02 21.33 -18.67
N PRO C 387 1.09 21.59 -19.37
CA PRO C 387 1.81 20.47 -19.99
C PRO C 387 2.61 19.68 -18.96
N VAL C 388 2.83 18.40 -19.21
CA VAL C 388 3.60 17.60 -18.28
C VAL C 388 5.09 17.86 -18.47
N GLN C 389 5.76 18.25 -17.39
CA GLN C 389 7.19 18.50 -17.43
C GLN C 389 7.89 17.57 -16.42
N PRO C 390 8.99 16.92 -16.84
CA PRO C 390 9.80 16.16 -15.87
C PRO C 390 10.45 17.14 -14.91
N TYR C 391 10.85 16.65 -13.72
CA TYR C 391 11.48 17.52 -12.72
C TYR C 391 12.21 16.66 -11.70
N PRO C 392 13.31 17.19 -11.15
CA PRO C 392 14.24 16.43 -10.31
C PRO C 392 13.69 16.07 -8.93
N GLY C 393 14.12 14.92 -8.41
CA GLY C 393 13.68 14.43 -7.11
C GLY C 393 14.80 14.36 -6.10
N ALA C 394 14.87 13.24 -5.38
CA ALA C 394 15.84 13.05 -4.30
C ALA C 394 17.27 12.81 -4.80
N PHE C 395 18.22 12.91 -3.88
CA PHE C 395 19.61 12.57 -4.14
C PHE C 395 19.92 11.18 -3.60
N VAL C 396 20.69 10.41 -4.38
CA VAL C 396 21.15 9.09 -3.94
C VAL C 396 22.66 8.96 -4.08
N LYS C 397 23.34 8.76 -2.96
CA LYS C 397 24.79 8.66 -2.96
C LYS C 397 25.25 7.35 -3.60
N GLU C 398 26.29 7.41 -4.41
CA GLU C 398 26.87 6.20 -4.95
C GLU C 398 27.77 5.59 -3.88
N PRO C 399 27.46 4.36 -3.46
CA PRO C 399 28.28 3.74 -2.43
C PRO C 399 29.43 2.93 -3.04
N ILE C 400 30.53 2.85 -2.32
CA ILE C 400 31.55 1.89 -2.66
C ILE C 400 31.01 0.51 -2.30
N PRO C 401 30.85 -0.34 -3.32
CA PRO C 401 30.33 -1.68 -3.08
C PRO C 401 31.29 -2.43 -2.16
N ASN C 402 30.78 -2.97 -1.05
CA ASN C 402 31.64 -3.61 -0.07
C ASN C 402 30.89 -4.26 1.07
N ARG C 403 31.62 -4.94 1.94
CA ARG C 403 31.07 -5.40 3.19
C ARG C 403 31.17 -4.24 4.17
N TYR C 404 30.22 -4.17 5.11
CA TYR C 404 30.25 -3.16 6.14
C TYR C 404 29.89 -3.75 7.48
N LYS C 405 30.86 -3.75 8.39
CA LYS C 405 30.73 -4.48 9.64
C LYS C 405 29.75 -3.79 10.57
N TYR C 406 30.13 -2.61 11.05
CA TYR C 406 29.32 -1.88 12.01
C TYR C 406 28.70 -0.65 11.36
N VAL C 407 27.36 -0.64 11.33
CA VAL C 407 26.63 0.46 10.71
C VAL C 407 25.54 1.00 11.62
N MET C 408 25.46 2.33 11.70
CA MET C 408 24.36 3.03 12.34
C MET C 408 23.70 3.94 11.32
N SER C 409 22.39 3.81 11.16
CA SER C 409 21.68 4.67 10.24
C SER C 409 20.91 5.78 10.97
N PHE C 410 20.75 6.90 10.27
CA PHE C 410 19.98 8.04 10.76
C PHE C 410 19.02 8.46 9.66
N ASP C 411 17.83 8.92 10.05
CA ASP C 411 16.75 9.23 9.11
C ASP C 411 15.87 10.40 9.58
N LEU C 412 15.63 11.33 8.67
CA LEU C 412 14.84 12.52 8.95
C LEU C 412 13.37 12.15 9.11
N THR C 413 12.74 12.70 10.15
CA THR C 413 11.31 12.51 10.39
C THR C 413 10.52 13.05 9.22
N SER C 414 9.75 12.17 8.58
CA SER C 414 8.78 12.61 7.59
C SER C 414 9.30 13.77 6.75
N LEU C 415 10.29 13.50 5.91
CA LEU C 415 11.04 14.56 5.24
C LEU C 415 10.25 15.62 4.47
N TYR C 416 9.54 15.21 3.42
CA TYR C 416 8.95 16.18 2.53
C TYR C 416 7.94 17.10 3.25
N PRO C 417 7.02 16.52 4.02
CA PRO C 417 6.09 17.32 4.82
C PRO C 417 6.82 18.25 5.79
N SER C 418 7.89 17.78 6.42
CA SER C 418 8.68 18.63 7.29
C SER C 418 9.33 19.79 6.54
N ILE C 419 9.71 19.54 5.29
CA ILE C 419 10.31 20.59 4.48
C ILE C 419 9.25 21.62 4.16
N ILE C 420 8.07 21.15 3.80
CA ILE C 420 6.92 22.02 3.54
C ILE C 420 6.62 22.94 4.71
N ARG C 421 6.75 22.40 5.92
CA ARG C 421 6.44 23.18 7.11
C ARG C 421 7.56 24.14 7.46
N GLN C 422 8.78 23.63 7.50
CA GLN C 422 9.97 24.43 7.79
C GLN C 422 10.10 25.63 6.85
N VAL C 423 9.91 25.37 5.57
CA VAL C 423 10.12 26.38 4.53
C VAL C 423 8.89 27.26 4.34
N ASN C 424 7.75 26.75 4.78
CA ASN C 424 6.46 27.39 4.59
C ASN C 424 6.04 27.38 3.13
N ILE C 425 6.12 26.21 2.51
CA ILE C 425 5.86 26.11 1.09
C ILE C 425 4.38 25.93 0.81
N SER C 426 3.80 26.86 0.04
CA SER C 426 2.36 26.88 -0.21
C SER C 426 2.10 27.72 -1.45
N PRO C 427 0.98 27.49 -2.15
CA PRO C 427 0.66 28.31 -3.32
C PRO C 427 0.63 29.80 -2.98
N GLU C 428 0.21 30.16 -1.77
CA GLU C 428 -0.01 31.57 -1.50
C GLU C 428 1.04 32.18 -0.58
N THR C 429 2.15 31.47 -0.40
CA THR C 429 3.21 32.01 0.43
C THR C 429 4.45 32.32 -0.38
N ILE C 430 4.34 32.11 -1.68
CA ILE C 430 5.39 32.49 -2.59
C ILE C 430 5.67 33.99 -2.44
N ALA C 431 6.92 34.32 -2.13
CA ALA C 431 7.28 35.72 -1.89
C ALA C 431 8.15 36.27 -3.02
N GLY C 432 8.66 35.38 -3.87
CA GLY C 432 9.57 35.80 -4.95
C GLY C 432 10.65 34.78 -5.20
N THR C 433 11.69 35.18 -5.92
CA THR C 433 12.85 34.33 -6.20
C THR C 433 14.13 35.02 -5.75
N PHE C 434 15.24 34.26 -5.77
CA PHE C 434 16.58 34.80 -5.59
C PHE C 434 17.51 34.14 -6.62
N LYS C 435 18.65 34.77 -6.89
CA LYS C 435 19.60 34.25 -7.87
C LYS C 435 20.27 33.00 -7.32
N VAL C 436 19.95 31.87 -7.92
CA VAL C 436 20.43 30.60 -7.40
C VAL C 436 21.91 30.39 -7.70
N ALA C 437 22.60 29.72 -6.79
CA ALA C 437 23.97 29.27 -7.02
C ALA C 437 23.91 27.77 -7.22
N PRO C 438 24.99 27.15 -7.70
CA PRO C 438 24.89 25.70 -7.82
C PRO C 438 24.68 25.05 -6.46
N LEU C 439 23.88 23.99 -6.44
CA LEU C 439 23.51 23.31 -5.20
C LEU C 439 24.71 23.04 -4.31
N HIS C 440 25.78 22.58 -4.93
CA HIS C 440 26.99 22.22 -4.20
C HIS C 440 27.46 23.38 -3.32
N ASP C 441 27.29 24.61 -3.82
CA ASP C 441 27.65 25.79 -3.04
C ASP C 441 26.89 25.92 -1.72
N TYR C 442 25.57 25.69 -1.76
CA TYR C 442 24.76 25.70 -0.54
C TYR C 442 25.19 24.54 0.35
N ILE C 443 25.37 23.38 -0.27
CA ILE C 443 25.80 22.21 0.46
C ILE C 443 27.05 22.52 1.27
N ASN C 444 28.04 23.12 0.62
CA ASN C 444 29.31 23.44 1.28
C ASN C 444 29.35 24.79 2.00
N ALA C 445 28.18 25.43 2.12
CA ALA C 445 28.06 26.68 2.86
C ALA C 445 28.99 27.78 2.34
N VAL C 446 29.10 27.90 1.02
CA VAL C 446 29.90 28.96 0.41
C VAL C 446 29.05 29.97 -0.35
N ALA C 447 27.82 29.61 -0.68
CA ALA C 447 26.93 30.53 -1.37
C ALA C 447 26.44 31.62 -0.43
N GLU C 448 26.25 32.82 -0.96
CA GLU C 448 25.68 33.90 -0.17
C GLU C 448 24.28 33.54 0.33
N ARG C 449 23.96 34.03 1.52
CA ARG C 449 22.65 33.81 2.10
C ARG C 449 21.57 34.27 1.12
N PRO C 450 20.63 33.37 0.79
CA PRO C 450 19.57 33.66 -0.16
C PRO C 450 18.73 34.88 0.22
N SER C 451 18.37 34.98 1.49
CA SER C 451 17.52 36.10 1.91
C SER C 451 17.66 36.44 3.37
N ASP C 452 17.63 37.74 3.64
CA ASP C 452 17.57 38.24 5.01
C ASP C 452 16.14 38.41 5.51
N VAL C 453 15.16 38.15 4.64
CA VAL C 453 13.77 38.57 4.85
C VAL C 453 12.77 37.42 4.81
N TYR C 454 12.99 36.50 3.87
CA TYR C 454 12.07 35.40 3.59
C TYR C 454 12.71 34.03 3.79
N SER C 455 11.87 33.00 3.78
CA SER C 455 12.31 31.63 4.00
C SER C 455 12.54 30.93 2.66
N CYS C 456 13.71 30.33 2.49
CA CYS C 456 14.18 29.92 1.17
C CYS C 456 14.38 28.43 0.93
N SER C 457 14.32 28.05 -0.35
CA SER C 457 14.77 26.75 -0.80
C SER C 457 15.87 26.96 -1.83
N PRO C 458 16.87 26.07 -1.85
CA PRO C 458 18.01 26.23 -2.76
C PRO C 458 17.63 26.17 -4.24
N ASN C 459 16.36 25.86 -4.53
CA ASN C 459 15.89 25.94 -5.90
C ASN C 459 15.63 27.37 -6.36
N GLY C 460 15.82 28.33 -5.46
CA GLY C 460 15.61 29.74 -5.80
C GLY C 460 14.33 30.38 -5.28
N MET C 461 13.45 29.60 -4.65
CA MET C 461 12.16 30.16 -4.21
C MET C 461 12.23 30.78 -2.82
N MET C 462 11.50 31.87 -2.62
CA MET C 462 11.36 32.54 -1.33
C MET C 462 9.89 32.50 -0.88
N TYR C 463 9.66 32.52 0.43
CA TYR C 463 8.33 32.35 1.00
C TYR C 463 8.11 33.26 2.19
N TYR C 464 6.89 33.76 2.36
CA TYR C 464 6.56 34.61 3.50
C TYR C 464 6.83 33.90 4.80
N LYS C 465 7.22 34.66 5.82
CA LYS C 465 7.46 34.09 7.14
C LYS C 465 6.48 34.61 8.21
N ASP C 466 5.53 35.45 7.83
CA ASP C 466 4.62 36.06 8.82
C ASP C 466 3.50 35.16 9.28
N ARG C 467 3.01 34.31 8.38
CA ARG C 467 1.90 33.43 8.68
C ARG C 467 2.06 32.10 7.96
N ASP C 468 1.53 31.04 8.55
CA ASP C 468 1.58 29.71 7.97
C ASP C 468 0.68 29.66 6.74
N GLY C 469 1.15 28.98 5.69
CA GLY C 469 0.36 28.76 4.49
C GLY C 469 -0.63 27.63 4.72
N VAL C 470 -1.67 27.57 3.92
CA VAL C 470 -2.68 26.54 4.10
C VAL C 470 -2.11 25.13 3.89
N VAL C 471 -1.15 24.98 2.98
CA VAL C 471 -0.51 23.68 2.80
C VAL C 471 0.29 23.22 4.03
N PRO C 472 1.19 24.08 4.55
CA PRO C 472 1.81 23.75 5.83
C PRO C 472 0.79 23.49 6.95
N THR C 473 -0.23 24.35 7.05
CA THR C 473 -1.17 24.25 8.16
C THR C 473 -1.90 22.93 8.15
N GLU C 474 -2.44 22.56 7.00
CA GLU C 474 -3.22 21.35 6.87
C GLU C 474 -2.36 20.10 6.89
N ILE C 475 -1.15 20.20 6.35
CA ILE C 475 -0.30 19.04 6.32
C ILE C 475 0.16 18.79 7.75
N THR C 476 0.37 19.87 8.51
CA THR C 476 0.68 19.72 9.93
C THR C 476 -0.41 18.92 10.64
N LYS C 477 -1.67 19.15 10.30
CA LYS C 477 -2.75 18.42 10.98
C LYS C 477 -2.65 16.91 10.74
N VAL C 478 -2.55 16.47 9.50
CA VAL C 478 -2.43 15.02 9.25
C VAL C 478 -1.11 14.45 9.77
N PHE C 479 -0.03 15.22 9.73
CA PHE C 479 1.26 14.73 10.23
C PHE C 479 1.14 14.37 11.70
N ASN C 480 0.40 15.17 12.45
CA ASN C 480 0.25 14.93 13.88
C ASN C 480 -0.58 13.68 14.19
N GLN C 481 -1.65 13.45 13.45
CA GLN C 481 -2.40 12.21 13.61
C GLN C 481 -1.45 11.06 13.28
N ARG C 482 -0.83 11.13 12.13
CA ARG C 482 0.11 10.08 11.73
C ARG C 482 1.06 9.75 12.87
N LYS C 483 1.63 10.78 13.49
CA LYS C 483 2.59 10.60 14.57
C LYS C 483 1.98 9.87 15.76
N GLU C 484 0.72 10.19 16.06
CA GLU C 484 0.04 9.57 17.19
C GLU C 484 -0.09 8.06 17.01
N HIS C 485 -0.41 7.63 15.81
CA HIS C 485 -0.65 6.22 15.53
C HIS C 485 0.68 5.51 15.40
N LYS C 486 1.70 6.22 14.93
CA LYS C 486 3.01 5.61 14.83
C LYS C 486 3.50 5.29 16.23
N GLY C 487 3.18 6.16 17.18
CA GLY C 487 3.51 5.92 18.57
C GLY C 487 2.86 4.64 19.02
N TYR C 488 1.58 4.47 18.72
CA TYR C 488 0.88 3.24 19.08
C TYR C 488 1.53 2.06 18.37
N MET C 489 1.91 2.24 17.10
CA MET C 489 2.50 1.14 16.34
C MET C 489 3.83 0.67 16.95
N LEU C 490 4.71 1.62 17.25
CA LEU C 490 6.01 1.28 17.81
C LEU C 490 5.92 0.66 19.20
N ALA C 491 4.95 1.11 20.00
CA ALA C 491 4.75 0.58 21.35
C ALA C 491 4.23 -0.86 21.31
N ALA C 492 3.31 -1.14 20.39
CA ALA C 492 2.84 -2.51 20.19
C ALA C 492 4.01 -3.42 19.79
N GLN C 493 4.96 -2.85 19.08
CA GLN C 493 6.11 -3.58 18.58
C GLN C 493 7.01 -3.94 19.75
N ARG C 494 7.47 -2.91 20.47
CA ARG C 494 8.31 -3.11 21.63
C ARG C 494 7.70 -4.14 22.56
N ASN C 495 6.40 -4.02 22.78
CA ASN C 495 5.68 -4.97 23.63
C ASN C 495 5.80 -6.38 23.08
N GLY C 496 5.65 -6.52 21.77
CA GLY C 496 5.75 -7.82 21.13
C GLY C 496 7.06 -8.50 21.45
N GLU C 497 8.14 -7.73 21.47
CA GLU C 497 9.47 -8.25 21.79
C GLU C 497 9.56 -8.77 23.22
N ILE C 498 8.88 -8.09 24.15
CA ILE C 498 8.87 -8.52 25.53
C ILE C 498 8.18 -9.88 25.67
N ILE C 499 7.12 -10.09 24.90
CA ILE C 499 6.41 -11.36 24.93
C ILE C 499 7.30 -12.44 24.35
N LYS C 500 7.86 -12.16 23.17
CA LYS C 500 8.83 -13.05 22.56
C LYS C 500 9.91 -13.46 23.55
N GLU C 501 10.48 -12.47 24.21
CA GLU C 501 11.50 -12.68 25.23
C GLU C 501 11.04 -13.69 26.27
N ALA C 502 9.85 -13.46 26.81
CA ALA C 502 9.28 -14.35 27.81
C ALA C 502 9.15 -15.75 27.25
N LEU C 503 8.79 -15.85 25.97
CA LEU C 503 8.56 -17.15 25.34
C LEU C 503 9.79 -18.06 25.36
N HIS C 504 10.88 -17.58 25.95
CA HIS C 504 12.05 -18.42 26.15
C HIS C 504 11.94 -19.17 27.47
N ASN C 505 11.12 -18.64 28.38
CA ASN C 505 10.96 -19.25 29.70
C ASN C 505 9.51 -19.31 30.15
N PRO C 506 8.66 -19.99 29.35
CA PRO C 506 7.23 -20.10 29.60
C PRO C 506 6.94 -20.93 30.83
N ASN C 507 6.09 -20.40 31.71
CA ASN C 507 5.72 -21.10 32.91
C ASN C 507 4.75 -22.24 32.60
N LEU C 508 4.79 -23.27 33.44
CA LEU C 508 3.95 -24.44 33.23
C LEU C 508 2.69 -24.32 34.07
N SER C 509 1.60 -23.92 33.41
CA SER C 509 0.32 -23.73 34.11
C SER C 509 -0.79 -23.31 33.16
N VAL C 510 -2.03 -23.40 33.63
CA VAL C 510 -3.16 -22.93 32.84
C VAL C 510 -3.61 -21.55 33.38
N ASP C 511 -3.62 -20.57 32.49
CA ASP C 511 -4.02 -19.22 32.84
C ASP C 511 -4.55 -18.51 31.60
N GLU C 512 -4.79 -17.22 31.71
CA GLU C 512 -5.33 -16.45 30.60
C GLU C 512 -4.34 -15.39 30.15
N PRO C 513 -4.56 -14.85 28.93
CA PRO C 513 -3.83 -13.69 28.45
C PRO C 513 -4.17 -12.49 29.31
N LEU C 514 -3.19 -11.59 29.50
CA LEU C 514 -3.42 -10.39 30.28
C LEU C 514 -4.26 -9.40 29.49
N ASP C 515 -5.29 -8.86 30.13
CA ASP C 515 -6.11 -7.83 29.52
C ASP C 515 -5.34 -6.52 29.60
N VAL C 516 -4.78 -6.11 28.47
CA VAL C 516 -3.94 -4.91 28.43
C VAL C 516 -4.18 -4.18 27.12
N ASP C 517 -3.59 -2.99 26.98
CA ASP C 517 -3.71 -2.21 25.76
C ASP C 517 -2.33 -2.15 25.08
N TYR C 518 -2.16 -2.91 24.01
CA TYR C 518 -0.85 -3.08 23.41
C TYR C 518 -0.26 -1.82 22.78
N ARG C 519 -1.07 -0.78 22.69
CA ARG C 519 -0.64 0.50 22.11
C ARG C 519 0.23 1.29 23.11
N PHE C 520 0.35 0.78 24.33
CA PHE C 520 1.20 1.44 25.34
C PHE C 520 2.27 0.52 25.94
N ASP C 521 3.48 1.06 26.11
CA ASP C 521 4.57 0.32 26.75
C ASP C 521 4.12 -0.29 28.07
N PHE C 522 4.42 -1.57 28.27
CA PHE C 522 3.99 -2.29 29.46
C PHE C 522 4.53 -1.70 30.74
N SER C 523 3.68 -1.67 31.76
CA SER C 523 4.09 -1.30 33.11
C SER C 523 4.95 -2.42 33.67
N ASP C 524 5.81 -2.09 34.64
CA ASP C 524 6.63 -3.09 35.32
C ASP C 524 5.75 -4.19 35.90
N GLU C 525 4.53 -3.83 36.30
CA GLU C 525 3.60 -4.80 36.89
C GLU C 525 3.14 -5.81 35.84
N ILE C 526 2.81 -5.31 34.65
CA ILE C 526 2.44 -6.18 33.54
C ILE C 526 3.64 -7.03 33.10
N LYS C 527 4.84 -6.44 33.15
CA LYS C 527 6.07 -7.16 32.82
C LYS C 527 6.32 -8.37 33.73
N GLU C 528 6.08 -8.20 35.04
CA GLU C 528 6.25 -9.30 35.96
C GLU C 528 5.24 -10.40 35.68
N LYS C 529 4.00 -9.99 35.40
CA LYS C 529 2.92 -10.95 35.17
C LYS C 529 3.14 -11.77 33.91
N ILE C 530 3.78 -11.17 32.93
CA ILE C 530 4.12 -11.86 31.69
C ILE C 530 5.17 -12.94 31.90
N LYS C 531 6.16 -12.66 32.74
CA LYS C 531 7.22 -13.64 33.02
C LYS C 531 6.69 -14.89 33.73
N LYS C 532 5.45 -14.81 34.20
CA LYS C 532 4.85 -15.88 34.98
C LYS C 532 3.80 -16.66 34.19
N LEU C 533 3.68 -16.33 32.91
CA LEU C 533 2.63 -16.91 32.07
C LEU C 533 3.03 -18.16 31.29
N SER C 534 2.00 -18.87 30.81
CA SER C 534 2.16 -20.07 30.01
C SER C 534 2.47 -19.69 28.57
N ALA C 535 2.97 -20.65 27.80
CA ALA C 535 3.27 -20.42 26.40
C ALA C 535 1.99 -20.13 25.61
N LYS C 536 0.93 -20.86 25.92
CA LYS C 536 -0.37 -20.67 25.27
C LYS C 536 -0.88 -19.23 25.43
N SER C 537 -0.78 -18.71 26.64
CA SER C 537 -1.19 -17.32 26.92
C SER C 537 -0.24 -16.31 26.27
N LEU C 538 1.07 -16.52 26.42
CA LEU C 538 2.06 -15.63 25.81
C LEU C 538 1.87 -15.58 24.30
N ASN C 539 1.68 -16.73 23.68
CA ASN C 539 1.43 -16.77 22.24
C ASN C 539 0.22 -15.95 21.85
N GLU C 540 -0.87 -16.12 22.60
CA GLU C 540 -2.09 -15.37 22.32
C GLU C 540 -1.79 -13.88 22.35
N MET C 541 -1.34 -13.38 23.50
CA MET C 541 -0.96 -11.98 23.63
C MET C 541 -0.11 -11.52 22.45
N LEU C 542 0.92 -12.29 22.12
CA LEU C 542 1.79 -11.96 21.01
C LEU C 542 0.96 -11.71 19.76
N PHE C 543 0.01 -12.59 19.52
CA PHE C 543 -0.89 -12.44 18.40
C PHE C 543 -1.58 -11.07 18.48
N ARG C 544 -2.12 -10.74 19.65
CA ARG C 544 -2.84 -9.50 19.81
C ARG C 544 -1.93 -8.28 19.73
N ALA C 545 -0.71 -8.41 20.24
CA ALA C 545 0.26 -7.34 20.14
C ALA C 545 0.53 -7.07 18.67
N GLN C 546 0.72 -8.15 17.91
CA GLN C 546 1.01 -8.00 16.48
C GLN C 546 -0.20 -7.49 15.70
N ARG C 547 -1.40 -7.78 16.20
CA ARG C 547 -2.59 -7.24 15.57
C ARG C 547 -2.74 -5.77 15.87
N THR C 548 -2.36 -5.37 17.09
CA THR C 548 -2.33 -3.95 17.44
C THR C 548 -1.33 -3.21 16.56
N GLU C 549 -0.13 -3.79 16.43
CA GLU C 549 0.92 -3.21 15.60
C GLU C 549 0.49 -3.03 14.14
N VAL C 550 -0.21 -4.03 13.61
CA VAL C 550 -0.75 -3.95 12.25
C VAL C 550 -1.81 -2.85 12.15
N ALA C 551 -2.69 -2.76 13.14
CA ALA C 551 -3.71 -1.72 13.15
C ALA C 551 -3.05 -0.34 13.11
N GLY C 552 -2.04 -0.15 13.95
CA GLY C 552 -1.26 1.08 13.95
C GLY C 552 -0.51 1.35 12.64
N MET C 553 0.08 0.32 12.05
CA MET C 553 0.79 0.49 10.79
C MET C 553 -0.18 0.96 9.70
N THR C 554 -1.34 0.33 9.63
CA THR C 554 -2.36 0.80 8.71
C THR C 554 -2.69 2.29 8.93
N ALA C 555 -2.84 2.69 10.18
CA ALA C 555 -3.29 4.04 10.43
C ALA C 555 -2.17 5.04 10.12
N GLN C 556 -0.95 4.68 10.51
CA GLN C 556 0.18 5.61 10.41
C GLN C 556 0.73 5.71 9.01
N ILE C 557 0.95 4.58 8.35
CA ILE C 557 1.64 4.62 7.06
C ILE C 557 0.74 5.27 6.03
N ASN C 558 -0.57 5.03 6.13
CA ASN C 558 -1.44 5.58 5.12
C ASN C 558 -1.69 7.06 5.30
N ARG C 559 -1.55 7.55 6.53
CA ARG C 559 -1.55 8.98 6.76
C ARG C 559 -0.27 9.61 6.23
N LYS C 560 0.82 8.85 6.28
CA LYS C 560 2.06 9.26 5.66
C LYS C 560 1.93 9.25 4.14
N ALA C 561 1.27 8.25 3.59
CA ALA C 561 1.11 8.23 2.15
C ALA C 561 0.35 9.46 1.73
N LEU C 562 -0.65 9.85 2.52
CA LEU C 562 -1.46 11.02 2.24
C LEU C 562 -0.66 12.31 2.21
N ILE C 563 0.05 12.62 3.28
CA ILE C 563 0.83 13.86 3.31
C ILE C 563 1.98 13.87 2.29
N ASN C 564 2.60 12.72 2.06
CA ASN C 564 3.60 12.64 0.98
C ASN C 564 2.93 12.79 -0.38
N GLY C 565 1.66 12.37 -0.46
CA GLY C 565 0.85 12.55 -1.66
C GLY C 565 0.67 14.01 -2.00
N LEU C 566 0.61 14.85 -0.97
CA LEU C 566 0.48 16.29 -1.16
C LEU C 566 1.72 16.85 -1.81
N ALA C 567 2.89 16.53 -1.27
CA ALA C 567 4.14 17.02 -1.86
C ALA C 567 4.21 16.62 -3.32
N GLY C 568 3.79 15.40 -3.62
CA GLY C 568 3.80 14.88 -4.98
C GLY C 568 2.75 15.51 -5.88
N ALA C 569 1.55 15.74 -5.33
CA ALA C 569 0.50 16.35 -6.10
C ALA C 569 0.97 17.68 -6.70
N LEU C 570 1.76 18.44 -5.95
CA LEU C 570 2.28 19.69 -6.47
C LEU C 570 3.04 19.46 -7.78
N GLY C 571 3.40 18.21 -8.06
CA GLY C 571 4.02 17.88 -9.36
C GLY C 571 3.07 17.23 -10.36
N ASN C 572 1.78 17.24 -10.06
CA ASN C 572 0.76 16.64 -10.93
C ASN C 572 -0.11 17.71 -11.57
N VAL C 573 -0.17 17.71 -12.89
CA VAL C 573 -0.81 18.82 -13.62
C VAL C 573 -2.32 18.92 -13.37
N TRP C 574 -2.91 17.89 -12.75
CA TRP C 574 -4.35 17.87 -12.52
C TRP C 574 -4.73 18.46 -11.17
N PHE C 575 -3.72 18.69 -10.34
CA PHE C 575 -3.88 19.32 -9.04
C PHE C 575 -4.19 20.80 -9.18
N ARG C 576 -5.17 21.29 -8.43
CA ARG C 576 -5.56 22.70 -8.48
C ARG C 576 -4.37 23.56 -8.13
N TYR C 577 -3.53 23.05 -7.24
CA TYR C 577 -2.37 23.80 -6.79
C TYR C 577 -1.06 23.30 -7.39
N TYR C 578 -1.14 22.66 -8.55
CA TYR C 578 0.06 22.27 -9.31
C TYR C 578 1.03 23.44 -9.48
N ASP C 579 2.26 23.25 -9.04
CA ASP C 579 3.29 24.26 -9.23
C ASP C 579 4.70 23.66 -9.10
N LEU C 580 5.40 23.55 -10.24
CA LEU C 580 6.75 23.01 -10.26
C LEU C 580 7.72 23.81 -9.39
N ARG C 581 7.44 25.09 -9.20
CA ARG C 581 8.29 25.88 -8.32
C ARG C 581 8.23 25.32 -6.91
N ASN C 582 7.03 24.93 -6.49
CA ASN C 582 6.88 24.41 -5.14
C ASN C 582 7.33 22.94 -5.03
N ALA C 583 6.97 22.12 -6.01
CA ALA C 583 7.47 20.74 -6.06
C ALA C 583 8.99 20.66 -5.96
N THR C 584 9.69 21.47 -6.76
CA THR C 584 11.14 21.39 -6.83
C THR C 584 11.79 22.13 -5.66
N ALA C 585 11.05 23.04 -5.04
CA ALA C 585 11.56 23.71 -3.85
C ALA C 585 11.64 22.68 -2.73
N ILE C 586 10.69 21.77 -2.73
CA ILE C 586 10.69 20.67 -1.78
C ILE C 586 11.83 19.68 -2.04
N THR C 587 11.95 19.21 -3.27
CA THR C 587 12.91 18.14 -3.56
C THR C 587 14.34 18.63 -3.55
N THR C 588 14.56 19.86 -4.00
CA THR C 588 15.89 20.46 -3.98
C THR C 588 16.34 20.76 -2.56
N PHE C 589 15.41 21.15 -1.70
CA PHE C 589 15.72 21.33 -0.28
C PHE C 589 16.20 19.99 0.28
N GLY C 590 15.52 18.92 -0.11
CA GLY C 590 15.89 17.58 0.34
C GLY C 590 17.33 17.23 -0.03
N GLN C 591 17.67 17.41 -1.31
CA GLN C 591 19.02 17.12 -1.79
C GLN C 591 20.03 17.84 -0.92
N MET C 592 19.82 19.15 -0.75
CA MET C 592 20.72 19.95 0.06
C MET C 592 20.81 19.39 1.48
N ALA C 593 19.66 19.08 2.08
CA ALA C 593 19.63 18.70 3.49
C ALA C 593 20.48 17.47 3.74
N LEU C 594 20.34 16.49 2.86
CA LEU C 594 21.02 15.21 3.01
C LEU C 594 22.54 15.34 2.91
N GLN C 595 23.01 16.07 1.90
CA GLN C 595 24.45 16.13 1.65
C GLN C 595 25.09 17.16 2.57
N TRP C 596 24.27 18.06 3.09
CA TRP C 596 24.68 19.02 4.09
C TRP C 596 24.97 18.32 5.41
N ILE C 597 24.11 17.39 5.78
CA ILE C 597 24.26 16.70 7.04
C ILE C 597 25.28 15.59 6.89
N GLU C 598 25.55 15.19 5.64
CA GLU C 598 26.63 14.25 5.37
C GLU C 598 27.97 14.92 5.64
N ARG C 599 28.12 16.14 5.13
CA ARG C 599 29.34 16.92 5.36
C ARG C 599 29.54 17.13 6.85
N LYS C 600 28.44 17.41 7.55
CA LYS C 600 28.47 17.65 8.98
C LYS C 600 28.87 16.40 9.77
N VAL C 601 28.20 15.29 9.48
CA VAL C 601 28.50 14.06 10.19
C VAL C 601 29.97 13.70 10.01
N ASN C 602 30.41 13.59 8.76
CA ASN C 602 31.82 13.33 8.47
C ASN C 602 32.73 14.24 9.29
N GLU C 603 32.44 15.54 9.25
CA GLU C 603 33.26 16.52 9.97
C GLU C 603 33.27 16.23 11.45
N TYR C 604 32.10 15.92 11.99
CA TYR C 604 32.00 15.63 13.42
C TYR C 604 32.84 14.42 13.77
N LEU C 605 32.75 13.38 12.93
CA LEU C 605 33.41 12.12 13.22
C LEU C 605 34.92 12.16 12.98
N ASN C 606 35.38 12.95 12.03
CA ASN C 606 36.81 13.11 11.82
C ASN C 606 37.46 13.83 13.00
N GLU C 607 36.69 14.69 13.67
CA GLU C 607 37.21 15.39 14.83
C GLU C 607 37.31 14.46 16.02
N VAL C 608 36.19 13.85 16.39
CA VAL C 608 36.13 12.96 17.55
C VAL C 608 37.13 11.80 17.46
N CYS C 609 37.36 11.29 16.25
CA CYS C 609 38.29 10.19 16.05
C CYS C 609 39.70 10.67 15.71
N GLY C 610 39.87 11.99 15.62
CA GLY C 610 41.20 12.57 15.36
C GLY C 610 41.82 12.13 14.05
N THR C 611 41.06 12.23 12.97
CA THR C 611 41.56 11.92 11.64
C THR C 611 41.11 12.99 10.65
N GLU C 612 41.35 12.78 9.36
CA GLU C 612 40.87 13.75 8.36
C GLU C 612 40.58 13.12 6.99
N GLY C 613 39.46 13.54 6.40
CA GLY C 613 39.09 13.12 5.06
C GLY C 613 38.32 11.81 4.98
N GLU C 614 38.23 11.09 6.09
CA GLU C 614 37.56 9.79 6.11
C GLU C 614 36.09 9.94 5.76
N ALA C 615 35.58 9.05 4.91
CA ALA C 615 34.16 9.06 4.61
C ALA C 615 33.45 8.11 5.56
N PHE C 616 32.93 8.65 6.66
CA PHE C 616 32.17 7.87 7.61
C PHE C 616 30.81 7.57 7.05
N VAL C 617 30.25 8.51 6.31
CA VAL C 617 28.97 8.31 5.67
C VAL C 617 29.23 7.50 4.43
N LEU C 618 28.69 6.28 4.40
CA LEU C 618 29.05 5.33 3.36
C LEU C 618 27.98 5.29 2.29
N TYR C 619 26.83 5.87 2.62
CA TYR C 619 25.67 5.81 1.75
C TYR C 619 24.61 6.73 2.29
N GLY C 620 23.67 7.10 1.42
CA GLY C 620 22.52 7.91 1.80
C GLY C 620 21.52 7.97 0.66
N ASP C 621 20.22 8.02 1.01
CA ASP C 621 19.19 7.98 0.00
C ASP C 621 17.96 8.79 0.40
N THR C 622 17.88 10.01 -0.13
CA THR C 622 16.72 10.87 0.07
C THR C 622 16.80 11.61 1.41
N ASP C 623 16.62 10.86 2.51
CA ASP C 623 16.54 11.46 3.84
C ASP C 623 17.32 10.67 4.89
N SER C 624 18.03 9.63 4.47
CA SER C 624 18.73 8.79 5.43
C SER C 624 20.22 8.75 5.15
N ILE C 625 20.99 8.56 6.21
CA ILE C 625 22.41 8.37 6.08
C ILE C 625 22.82 7.08 6.79
N TYR C 626 23.86 6.44 6.25
CA TYR C 626 24.41 5.22 6.84
C TYR C 626 25.87 5.45 7.20
N VAL C 627 26.16 5.35 8.49
CA VAL C 627 27.47 5.67 9.00
C VAL C 627 28.24 4.42 9.39
N SER C 628 29.49 4.34 8.96
CA SER C 628 30.38 3.25 9.33
C SER C 628 30.91 3.48 10.74
N ALA C 629 30.67 2.52 11.63
CA ALA C 629 31.01 2.67 13.04
C ALA C 629 32.17 1.80 13.48
N ASP C 630 32.80 1.13 12.53
CA ASP C 630 33.95 0.29 12.86
C ASP C 630 34.88 1.03 13.83
N LYS C 631 35.23 2.25 13.47
CA LYS C 631 36.21 3.03 14.24
C LYS C 631 35.71 3.40 15.63
N ILE C 632 34.39 3.54 15.77
CA ILE C 632 33.83 3.90 17.06
C ILE C 632 33.80 2.69 17.98
N ILE C 633 33.58 1.51 17.40
CA ILE C 633 33.64 0.28 18.17
C ILE C 633 35.08 0.02 18.60
N ASP C 634 36.03 0.22 17.69
CA ASP C 634 37.43 -0.12 17.95
C ASP C 634 38.02 0.67 19.12
N LYS C 635 37.67 1.94 19.20
CA LYS C 635 38.16 2.83 20.26
C LYS C 635 38.03 2.21 21.66
N VAL C 636 36.90 1.54 21.88
CA VAL C 636 36.66 0.89 23.16
C VAL C 636 37.41 -0.43 23.23
N GLY C 637 37.40 -1.13 22.11
CA GLY C 637 38.12 -2.37 21.98
C GLY C 637 37.50 -3.32 21.00
N GLU C 638 36.47 -3.98 21.48
CA GLU C 638 35.74 -5.00 20.74
C GLU C 638 35.91 -6.27 21.47
N SER C 639 37.00 -6.38 22.19
CA SER C 639 37.00 -7.23 23.31
C SER C 639 36.09 -6.43 24.22
N LYS C 640 36.63 -5.84 25.25
CA LYS C 640 35.89 -5.16 26.31
C LYS C 640 34.36 -5.08 26.28
N PHE C 641 33.68 -6.11 25.81
CA PHE C 641 32.25 -6.11 25.64
C PHE C 641 31.71 -7.47 26.05
N ARG C 642 30.88 -7.51 27.07
CA ARG C 642 30.42 -8.80 27.59
C ARG C 642 29.75 -9.60 26.49
N ASP C 643 28.82 -8.96 25.79
CA ASP C 643 28.04 -9.61 24.75
C ASP C 643 27.68 -8.60 23.66
N THR C 644 26.83 -9.02 22.73
CA THR C 644 26.42 -8.17 21.62
C THR C 644 25.52 -7.02 22.09
N ASN C 645 24.66 -7.30 23.06
CA ASN C 645 23.78 -6.28 23.58
C ASN C 645 24.59 -5.12 24.16
N HIS C 646 25.78 -5.45 24.68
CA HIS C 646 26.64 -4.49 25.34
C HIS C 646 27.11 -3.39 24.39
N TRP C 647 27.59 -3.78 23.22
CA TRP C 647 28.02 -2.77 22.24
C TRP C 647 26.84 -2.06 21.58
N VAL C 648 25.72 -2.76 21.42
CA VAL C 648 24.51 -2.11 20.94
C VAL C 648 24.09 -1.02 21.91
N ASP C 649 24.15 -1.31 23.21
CA ASP C 649 23.89 -0.29 24.22
C ASP C 649 24.85 0.87 24.03
N PHE C 650 26.13 0.54 23.83
CA PHE C 650 27.16 1.54 23.65
C PHE C 650 26.86 2.43 22.45
N LEU C 651 26.66 1.80 21.29
CA LEU C 651 26.38 2.55 20.05
C LEU C 651 25.12 3.39 20.17
N ASP C 652 24.08 2.79 20.74
CA ASP C 652 22.84 3.48 21.01
C ASP C 652 23.16 4.78 21.74
N LYS C 653 23.83 4.65 22.87
CA LYS C 653 24.23 5.78 23.70
C LYS C 653 25.02 6.82 22.90
N PHE C 654 26.00 6.37 22.13
CA PHE C 654 26.80 7.29 21.31
C PHE C 654 25.93 8.07 20.33
N ALA C 655 25.02 7.37 19.66
CA ALA C 655 24.08 8.01 18.74
C ALA C 655 23.21 9.06 19.45
N ARG C 656 22.67 8.70 20.60
CA ARG C 656 21.74 9.57 21.29
C ARG C 656 22.43 10.75 21.98
N GLU C 657 23.61 10.52 22.55
CA GLU C 657 24.28 11.57 23.32
C GLU C 657 25.32 12.39 22.58
N ARG C 658 25.93 11.84 21.53
CA ARG C 658 26.98 12.57 20.83
C ARG C 658 26.58 12.99 19.44
N MET C 659 26.02 12.06 18.69
CA MET C 659 25.76 12.32 17.28
C MET C 659 24.54 13.18 17.03
N GLU C 660 23.46 12.90 17.72
CA GLU C 660 22.22 13.63 17.46
C GLU C 660 22.35 15.11 17.82
N PRO C 661 23.04 15.42 18.94
CA PRO C 661 23.29 16.83 19.26
C PRO C 661 24.10 17.50 18.16
N ALA C 662 25.15 16.82 17.71
CA ALA C 662 25.97 17.34 16.62
C ALA C 662 25.12 17.48 15.37
N ILE C 663 24.16 16.58 15.20
CA ILE C 663 23.31 16.58 14.03
C ILE C 663 22.27 17.71 14.10
N ASP C 664 21.67 17.90 15.27
CA ASP C 664 20.71 18.99 15.46
CA ASP C 664 20.70 18.99 15.43
C ASP C 664 21.40 20.32 15.17
N ARG C 665 22.58 20.49 15.75
CA ARG C 665 23.34 21.72 15.56
C ARG C 665 23.59 22.00 14.09
N GLY C 666 23.96 20.96 13.34
CA GLY C 666 24.21 21.10 11.91
C GLY C 666 22.96 21.54 11.19
N PHE C 667 21.81 21.00 11.58
CA PHE C 667 20.56 21.39 10.96
C PHE C 667 20.06 22.77 11.40
N ARG C 668 20.31 23.16 12.64
CA ARG C 668 19.94 24.51 13.08
C ARG C 668 20.67 25.54 12.24
N GLU C 669 21.96 25.32 12.00
CA GLU C 669 22.75 26.21 11.14
C GLU C 669 22.08 26.35 9.78
N MET C 670 21.77 25.21 9.15
CA MET C 670 21.15 25.23 7.82
C MET C 670 19.81 26.00 7.79
N CYS C 671 18.99 25.85 8.83
CA CYS C 671 17.75 26.62 8.96
C CYS C 671 18.03 28.12 8.91
N GLU C 672 18.95 28.58 9.74
CA GLU C 672 19.42 29.95 9.66
C GLU C 672 19.94 30.34 8.26
N TYR C 673 20.73 29.46 7.64
CA TYR C 673 21.30 29.70 6.32
C TYR C 673 20.21 29.97 5.27
N MET C 674 19.16 29.15 5.26
CA MET C 674 18.00 29.37 4.37
C MET C 674 16.97 30.34 4.96
N ASN C 675 17.27 30.91 6.13
CA ASN C 675 16.32 31.76 6.85
C ASN C 675 14.92 31.14 6.91
N ASN C 676 14.84 29.88 7.32
CA ASN C 676 13.56 29.18 7.33
C ASN C 676 12.65 29.56 8.50
N LYS C 677 11.36 29.34 8.32
CA LYS C 677 10.35 29.75 9.26
C LYS C 677 10.47 28.97 10.56
N GLN C 678 10.72 27.66 10.45
CA GLN C 678 10.70 26.80 11.62
C GLN C 678 11.60 25.57 11.44
N HIS C 679 12.58 25.43 12.33
CA HIS C 679 13.48 24.30 12.26
C HIS C 679 12.79 22.98 12.57
N LEU C 680 12.59 22.16 11.55
CA LEU C 680 11.94 20.88 11.75
C LEU C 680 12.73 19.74 11.10
N MET C 681 14.02 19.94 10.91
CA MET C 681 14.86 18.85 10.44
C MET C 681 15.30 18.01 11.63
N PHE C 682 14.50 16.99 11.96
CA PHE C 682 14.82 16.10 13.05
C PHE C 682 15.28 14.75 12.50
N MET C 683 16.58 14.47 12.66
CA MET C 683 17.17 13.23 12.16
C MET C 683 17.55 12.33 13.32
N ASP C 684 16.74 11.31 13.54
CA ASP C 684 16.97 10.40 14.64
C ASP C 684 17.69 9.13 14.17
N ARG C 685 18.36 8.49 15.11
CA ARG C 685 18.99 7.22 14.84
C ARG C 685 17.88 6.24 14.47
N GLU C 686 18.14 5.43 13.46
CA GLU C 686 17.17 4.49 12.95
C GLU C 686 17.68 3.07 13.28
N ALA C 687 18.81 2.69 12.66
CA ALA C 687 19.32 1.33 12.79
C ALA C 687 20.72 1.22 13.41
N ILE C 688 20.90 0.18 14.23
CA ILE C 688 22.21 -0.21 14.75
C ILE C 688 22.54 -1.62 14.27
N ALA C 689 23.58 -1.75 13.45
CA ALA C 689 23.87 -3.02 12.78
C ALA C 689 25.30 -3.51 12.96
N GLY C 690 25.43 -4.83 13.01
CA GLY C 690 26.72 -5.48 13.17
C GLY C 690 26.49 -6.96 13.32
N PRO C 691 27.58 -7.75 13.25
CA PRO C 691 27.52 -9.19 13.42
C PRO C 691 27.43 -9.56 14.90
N PRO C 692 27.00 -10.81 15.19
CA PRO C 692 27.07 -11.27 16.59
C PRO C 692 28.51 -11.28 17.08
N LEU C 693 28.73 -10.87 18.32
CA LEU C 693 30.07 -10.82 18.89
C LEU C 693 30.69 -12.22 18.83
N GLY C 694 31.97 -12.29 18.50
CA GLY C 694 32.69 -13.56 18.44
C GLY C 694 32.37 -14.37 17.20
N SER C 695 31.53 -13.83 16.34
CA SER C 695 31.12 -14.51 15.13
C SER C 695 32.04 -14.17 13.96
N LYS C 696 31.78 -14.76 12.81
CA LYS C 696 32.50 -14.45 11.60
C LYS C 696 31.58 -13.72 10.61
N GLY C 697 30.42 -13.31 11.09
CA GLY C 697 29.47 -12.54 10.28
C GLY C 697 30.07 -11.22 9.81
N ILE C 698 29.63 -10.76 8.64
CA ILE C 698 30.16 -9.53 8.05
C ILE C 698 29.25 -8.32 8.33
N GLY C 699 28.15 -8.55 9.04
CA GLY C 699 27.31 -7.45 9.51
C GLY C 699 26.40 -6.86 8.43
N GLY C 700 27.00 -6.26 7.41
CA GLY C 700 26.24 -5.68 6.31
C GLY C 700 27.01 -5.64 5.00
N PHE C 701 26.29 -5.36 3.91
CA PHE C 701 26.92 -5.13 2.62
C PHE C 701 26.04 -4.33 1.65
N TRP C 702 26.70 -3.69 0.69
CA TRP C 702 26.08 -2.88 -0.35
C TRP C 702 26.57 -3.31 -1.72
N THR C 703 25.67 -3.56 -2.67
CA THR C 703 26.11 -3.77 -4.05
C THR C 703 26.06 -2.48 -4.90
N GLY C 704 25.18 -1.55 -4.51
CA GLY C 704 25.04 -0.30 -5.23
C GLY C 704 23.94 0.51 -4.61
N LYS C 705 23.42 1.47 -5.37
CA LYS C 705 22.33 2.29 -4.90
C LYS C 705 21.11 1.40 -4.69
N LYS C 706 20.39 1.66 -3.59
CA LYS C 706 19.12 0.99 -3.31
C LYS C 706 19.25 -0.54 -3.22
N ARG C 707 20.45 -1.03 -2.92
CA ARG C 707 20.70 -2.46 -2.79
C ARG C 707 21.68 -2.75 -1.67
N TYR C 708 21.16 -3.20 -0.52
CA TYR C 708 22.01 -3.44 0.65
C TYR C 708 21.33 -4.38 1.65
N ALA C 709 22.10 -4.86 2.61
CA ALA C 709 21.59 -5.76 3.65
C ALA C 709 22.30 -5.46 4.95
N LEU C 710 21.61 -5.67 6.07
CA LEU C 710 22.17 -5.35 7.37
C LEU C 710 21.60 -6.25 8.45
N ASN C 711 22.47 -6.69 9.36
CA ASN C 711 22.03 -7.44 10.53
C ASN C 711 21.68 -6.47 11.64
N VAL C 712 20.41 -6.05 11.69
CA VAL C 712 19.96 -5.06 12.66
C VAL C 712 19.60 -5.66 14.03
N TRP C 713 20.18 -5.07 15.07
CA TRP C 713 19.89 -5.44 16.46
C TRP C 713 18.86 -4.53 17.11
N ASP C 714 18.93 -3.24 16.75
CA ASP C 714 17.98 -2.29 17.28
C ASP C 714 17.53 -1.35 16.19
N MET C 715 16.21 -1.21 16.07
CA MET C 715 15.61 -0.37 15.06
C MET C 715 14.67 0.64 15.73
N GLU C 716 14.98 1.92 15.59
CA GLU C 716 14.15 3.00 16.08
C GLU C 716 13.67 2.75 17.49
N GLY C 717 14.57 2.30 18.36
CA GLY C 717 14.20 2.05 19.76
C GLY C 717 13.71 0.64 20.04
N THR C 718 13.31 -0.09 19.02
CA THR C 718 12.91 -1.49 19.23
C THR C 718 14.15 -2.37 19.30
N ARG C 719 14.43 -2.91 20.48
CA ARG C 719 15.56 -3.83 20.66
C ARG C 719 15.13 -5.28 20.45
N TYR C 720 15.49 -5.84 19.29
CA TYR C 720 14.99 -7.18 18.92
C TYR C 720 15.48 -8.30 19.82
N ALA C 721 14.59 -9.25 20.11
CA ALA C 721 14.99 -10.47 20.80
C ALA C 721 15.94 -11.28 19.92
N GLU C 722 15.62 -11.36 18.62
CA GLU C 722 16.51 -11.98 17.64
C GLU C 722 16.91 -10.93 16.60
N PRO C 723 18.19 -10.90 16.23
CA PRO C 723 18.59 -9.98 15.18
C PRO C 723 17.65 -10.08 13.98
N LYS C 724 17.27 -8.94 13.42
CA LYS C 724 16.39 -8.92 12.26
C LYS C 724 17.16 -8.43 11.04
N LEU C 725 17.02 -9.14 9.93
CA LEU C 725 17.64 -8.73 8.69
C LEU C 725 16.84 -7.63 8.04
N LYS C 726 17.46 -6.48 7.84
CA LYS C 726 16.89 -5.44 6.98
C LYS C 726 17.54 -5.50 5.59
N ILE C 727 16.81 -6.06 4.63
CA ILE C 727 17.33 -6.17 3.27
C ILE C 727 16.56 -5.23 2.37
N MET C 728 17.27 -4.38 1.64
CA MET C 728 16.59 -3.43 0.76
C MET C 728 16.99 -3.61 -0.70
N GLY C 729 15.99 -3.79 -1.57
CA GLY C 729 16.25 -3.80 -3.00
C GLY C 729 16.74 -5.11 -3.59
N LEU C 730 17.43 -5.93 -2.79
CA LEU C 730 17.96 -7.19 -3.30
C LEU C 730 16.81 -8.15 -3.63
N GLU C 731 17.12 -9.17 -4.43
CA GLU C 731 16.12 -10.07 -5.01
C GLU C 731 15.19 -10.72 -4.01
N THR C 732 15.63 -10.86 -2.77
CA THR C 732 14.76 -11.37 -1.72
C THR C 732 13.49 -10.52 -1.62
N GLN C 733 13.59 -9.25 -1.97
CA GLN C 733 12.53 -8.28 -1.71
C GLN C 733 11.65 -8.05 -2.92
N LYS C 734 11.96 -8.71 -4.02
CA LYS C 734 11.22 -8.51 -5.26
C LYS C 734 10.17 -9.58 -5.43
N SER C 735 8.99 -9.18 -5.88
CA SER C 735 7.89 -10.11 -6.10
C SER C 735 8.16 -11.01 -7.30
N SER C 736 9.01 -10.55 -8.21
CA SER C 736 9.34 -11.29 -9.42
C SER C 736 10.27 -12.48 -9.16
N THR C 737 10.95 -12.47 -8.02
CA THR C 737 11.82 -13.59 -7.65
C THR C 737 11.02 -14.77 -7.11
N PRO C 738 11.36 -16.00 -7.53
CA PRO C 738 10.62 -17.15 -7.04
C PRO C 738 10.63 -17.25 -5.51
N LYS C 739 9.51 -17.70 -4.96
CA LYS C 739 9.35 -17.86 -3.51
C LYS C 739 10.47 -18.67 -2.87
N ALA C 740 10.69 -19.87 -3.38
CA ALA C 740 11.76 -20.71 -2.88
C ALA C 740 13.10 -19.96 -2.90
N VAL C 741 13.41 -19.35 -4.04
CA VAL C 741 14.65 -18.61 -4.23
C VAL C 741 14.81 -17.43 -3.26
N GLN C 742 13.76 -16.65 -3.04
CA GLN C 742 13.82 -15.55 -2.08
C GLN C 742 14.30 -16.13 -0.76
N LYS C 743 13.58 -17.13 -0.30
CA LYS C 743 13.85 -17.78 0.97
C LYS C 743 15.31 -18.23 1.03
N ALA C 744 15.77 -18.87 -0.04
CA ALA C 744 17.15 -19.34 -0.12
C ALA C 744 18.18 -18.21 -0.12
N LEU C 745 17.97 -17.22 -0.96
CA LEU C 745 18.81 -16.04 -0.97
C LEU C 745 18.86 -15.38 0.41
N LYS C 746 17.71 -15.34 1.08
CA LYS C 746 17.65 -14.74 2.40
C LYS C 746 18.49 -15.50 3.41
N GLU C 747 18.36 -16.82 3.44
CA GLU C 747 19.19 -17.61 4.33
C GLU C 747 20.67 -17.38 4.01
N CYS C 748 20.99 -17.27 2.72
CA CYS C 748 22.36 -17.01 2.30
C CYS C 748 22.84 -15.68 2.86
N ILE C 749 21.97 -14.68 2.84
CA ILE C 749 22.33 -13.38 3.37
C ILE C 749 22.48 -13.48 4.87
N ARG C 750 21.57 -14.22 5.50
CA ARG C 750 21.61 -14.35 6.94
C ARG C 750 22.95 -14.97 7.35
N ARG C 751 23.37 -15.97 6.60
CA ARG C 751 24.62 -16.65 6.91
C ARG C 751 25.83 -15.74 6.70
N MET C 752 25.86 -15.02 5.58
CA MET C 752 26.92 -14.04 5.36
C MET C 752 27.01 -13.03 6.50
N LEU C 753 25.88 -12.43 6.86
CA LEU C 753 25.87 -11.36 7.84
C LEU C 753 26.02 -11.83 9.28
N GLN C 754 25.62 -13.07 9.56
CA GLN C 754 25.67 -13.59 10.93
C GLN C 754 26.77 -14.63 11.17
N GLU C 755 27.07 -15.48 10.19
CA GLU C 755 27.97 -16.59 10.46
C GLU C 755 29.26 -16.57 9.64
N GLY C 756 29.19 -16.07 8.41
CA GLY C 756 30.40 -15.87 7.63
C GLY C 756 30.54 -16.75 6.39
N GLU C 757 31.68 -16.59 5.72
CA GLU C 757 31.98 -17.28 4.48
C GLU C 757 31.65 -18.79 4.51
N GLU C 758 32.13 -19.48 5.54
CA GLU C 758 32.01 -20.94 5.57
C GLU C 758 30.57 -21.42 5.74
N SER C 759 29.81 -20.76 6.61
CA SER C 759 28.40 -21.11 6.73
C SER C 759 27.69 -20.84 5.41
N LEU C 760 28.18 -19.84 4.69
CA LEU C 760 27.58 -19.43 3.43
C LEU C 760 27.79 -20.51 2.38
N GLN C 761 29.04 -20.90 2.17
CA GLN C 761 29.39 -21.89 1.16
C GLN C 761 28.60 -23.17 1.38
N GLU C 762 28.54 -23.60 2.64
CA GLU C 762 27.85 -24.82 3.02
C GLU C 762 26.40 -24.85 2.51
N TYR C 763 25.66 -23.75 2.71
CA TYR C 763 24.24 -23.69 2.35
C TYR C 763 24.04 -23.58 0.85
N PHE C 764 24.75 -22.64 0.24
CA PHE C 764 24.74 -22.48 -1.20
C PHE C 764 24.89 -23.81 -1.91
N LYS C 765 25.81 -24.65 -1.42
CA LYS C 765 26.02 -25.93 -2.04
C LYS C 765 24.82 -26.84 -1.77
N GLU C 766 24.34 -26.85 -0.53
CA GLU C 766 23.19 -27.68 -0.19
C GLU C 766 21.95 -27.28 -0.99
N PHE C 767 21.76 -25.99 -1.21
CA PHE C 767 20.62 -25.55 -1.99
C PHE C 767 20.71 -26.05 -3.43
N GLU C 768 21.87 -25.85 -4.03
CA GLU C 768 22.16 -26.26 -5.40
C GLU C 768 21.89 -27.75 -5.66
N LYS C 769 22.16 -28.58 -4.66
CA LYS C 769 21.90 -30.01 -4.76
C LYS C 769 20.41 -30.33 -4.75
N GLU C 770 19.66 -29.65 -3.90
CA GLU C 770 18.29 -30.05 -3.63
C GLU C 770 17.30 -29.27 -4.48
N PHE C 771 17.80 -28.30 -5.22
CA PHE C 771 16.98 -27.38 -6.01
C PHE C 771 15.92 -28.11 -6.85
N ARG C 772 16.35 -29.14 -7.57
CA ARG C 772 15.48 -29.87 -8.51
C ARG C 772 14.28 -30.54 -7.86
N GLN C 773 14.27 -30.59 -6.52
CA GLN C 773 13.15 -31.19 -5.81
C GLN C 773 12.01 -30.20 -5.56
N LEU C 774 12.30 -28.91 -5.67
CA LEU C 774 11.35 -27.86 -5.36
C LEU C 774 10.14 -27.87 -6.29
N ASN C 775 8.97 -27.63 -5.71
CA ASN C 775 7.71 -27.54 -6.44
C ASN C 775 7.80 -26.45 -7.51
N TYR C 776 7.22 -26.70 -8.68
CA TYR C 776 7.40 -25.79 -9.80
C TYR C 776 6.89 -24.38 -9.58
N ILE C 777 5.85 -24.24 -8.76
CA ILE C 777 5.33 -22.92 -8.52
C ILE C 777 6.30 -22.14 -7.65
N SER C 778 6.95 -22.81 -6.72
CA SER C 778 7.84 -22.14 -5.78
C SER C 778 9.14 -21.68 -6.44
N ILE C 779 9.38 -22.07 -7.70
CA ILE C 779 10.61 -21.67 -8.39
C ILE C 779 10.37 -20.92 -9.70
N ALA C 780 9.11 -20.64 -10.00
CA ALA C 780 8.81 -19.89 -11.21
C ALA C 780 9.02 -18.41 -10.95
N SER C 781 9.54 -17.70 -11.95
CA SER C 781 9.60 -16.26 -11.88
C SER C 781 8.17 -15.67 -11.99
N VAL C 782 8.05 -14.39 -11.68
CA VAL C 782 6.75 -13.74 -11.77
C VAL C 782 6.92 -12.43 -12.48
N SER C 783 6.01 -12.14 -13.40
CA SER C 783 6.01 -10.83 -14.03
C SER C 783 4.60 -10.34 -14.35
N SER C 784 4.43 -9.01 -14.32
CA SER C 784 3.26 -8.39 -14.88
C SER C 784 3.36 -8.57 -16.38
N ALA C 785 2.23 -8.61 -17.06
CA ALA C 785 2.19 -8.88 -18.48
C ALA C 785 1.40 -7.83 -19.22
N ASN C 786 2.11 -6.85 -19.78
CA ASN C 786 1.50 -5.75 -20.51
C ASN C 786 1.79 -5.82 -22.00
N ASN C 787 0.84 -5.36 -22.80
CA ASN C 787 1.06 -5.19 -24.23
C ASN C 787 1.25 -6.50 -24.99
N ILE C 788 0.63 -7.57 -24.53
CA ILE C 788 0.69 -8.83 -25.22
C ILE C 788 0.32 -8.67 -26.69
N ALA C 789 -0.88 -8.16 -26.96
CA ALA C 789 -1.35 -8.00 -28.33
C ALA C 789 -0.30 -7.31 -29.19
N LYS C 790 0.51 -6.48 -28.54
CA LYS C 790 1.53 -5.67 -29.19
C LYS C 790 2.60 -6.53 -29.84
N TYR C 791 3.06 -7.55 -29.11
CA TYR C 791 4.13 -8.41 -29.61
C TYR C 791 3.58 -9.68 -30.25
N ASP C 792 2.27 -9.81 -30.27
CA ASP C 792 1.66 -10.96 -30.93
C ASP C 792 1.49 -10.71 -32.42
N VAL C 793 2.09 -11.60 -33.22
CA VAL C 793 1.98 -11.57 -34.67
C VAL C 793 1.58 -12.96 -35.16
N GLY C 794 2.38 -13.95 -34.78
CA GLY C 794 2.21 -15.34 -35.23
C GLY C 794 0.85 -16.02 -35.08
N GLY C 795 0.31 -16.06 -33.86
CA GLY C 795 0.92 -15.49 -32.67
C GLY C 795 2.22 -16.10 -32.21
N PHE C 796 3.31 -15.60 -32.79
CA PHE C 796 4.65 -15.86 -32.34
C PHE C 796 5.24 -14.53 -31.88
N PRO C 797 6.39 -14.57 -31.19
CA PRO C 797 6.99 -13.35 -30.67
C PRO C 797 7.35 -12.39 -31.79
N GLY C 798 6.82 -11.17 -31.74
CA GLY C 798 7.22 -10.15 -32.73
C GLY C 798 8.54 -9.54 -32.33
N PRO C 799 9.04 -8.56 -33.09
CA PRO C 799 10.35 -8.00 -32.79
C PRO C 799 10.38 -7.43 -31.38
N LYS C 800 11.51 -7.57 -30.68
CA LYS C 800 11.69 -6.99 -29.36
C LYS C 800 10.87 -7.68 -28.27
N CYS C 801 10.32 -8.85 -28.57
CA CYS C 801 9.41 -9.51 -27.64
C CYS C 801 10.02 -9.76 -26.26
N PRO C 802 9.42 -9.17 -25.20
CA PRO C 802 9.88 -9.44 -23.84
C PRO C 802 9.75 -10.92 -23.46
N PHE C 803 10.74 -11.42 -22.71
CA PHE C 803 10.80 -12.82 -22.31
C PHE C 803 9.48 -13.35 -21.76
N HIS C 804 8.96 -12.71 -20.72
CA HIS C 804 7.69 -13.15 -20.13
C HIS C 804 6.54 -13.17 -21.13
N ILE C 805 6.47 -12.15 -21.98
CA ILE C 805 5.45 -12.08 -23.02
C ILE C 805 5.57 -13.25 -24.00
N ARG C 806 6.80 -13.61 -24.36
CA ARG C 806 7.04 -14.75 -25.22
C ARG C 806 6.48 -16.01 -24.56
N GLY C 807 6.72 -16.16 -23.26
CA GLY C 807 6.16 -17.26 -22.49
C GLY C 807 4.65 -17.33 -22.58
N ILE C 808 4.01 -16.16 -22.56
CA ILE C 808 2.58 -16.11 -22.70
C ILE C 808 2.18 -16.64 -24.07
N LEU C 809 2.87 -16.16 -25.11
CA LEU C 809 2.56 -16.60 -26.46
C LEU C 809 2.70 -18.11 -26.57
N THR C 810 3.75 -18.65 -25.95
CA THR C 810 3.93 -20.09 -25.95
C THR C 810 2.71 -20.75 -25.31
N TYR C 811 2.28 -20.21 -24.17
CA TYR C 811 1.09 -20.72 -23.51
C TYR C 811 -0.12 -20.66 -24.45
N ASN C 812 -0.42 -19.47 -24.98
CA ASN C 812 -1.58 -19.34 -25.87
C ASN C 812 -1.61 -20.40 -26.99
N ARG C 813 -0.45 -20.69 -27.59
CA ARG C 813 -0.38 -21.72 -28.63
C ARG C 813 -0.68 -23.11 -28.08
N ALA C 814 -0.09 -23.43 -26.94
CA ALA C 814 -0.27 -24.75 -26.35
C ALA C 814 -1.74 -25.05 -26.05
N ILE C 815 -2.51 -24.02 -25.66
CA ILE C 815 -3.92 -24.21 -25.34
C ILE C 815 -4.85 -23.69 -26.43
N LYS C 816 -4.31 -23.49 -27.63
CA LYS C 816 -5.10 -22.97 -28.74
C LYS C 816 -6.42 -23.72 -28.85
N GLY C 817 -7.49 -22.96 -29.10
CA GLY C 817 -8.81 -23.55 -29.28
C GLY C 817 -9.14 -24.54 -28.17
N ASN C 818 -8.92 -24.13 -26.93
CA ASN C 818 -9.32 -24.93 -25.78
C ASN C 818 -10.14 -24.06 -24.85
N ILE C 819 -11.46 -24.12 -24.99
CA ILE C 819 -12.35 -23.16 -24.35
C ILE C 819 -12.27 -23.13 -22.81
N ASP C 820 -11.93 -24.26 -22.20
CA ASP C 820 -11.87 -24.32 -20.73
C ASP C 820 -10.60 -23.73 -20.18
N ALA C 821 -9.48 -23.97 -20.88
CA ALA C 821 -8.17 -23.52 -20.44
C ALA C 821 -8.24 -22.11 -19.88
N PRO C 822 -7.57 -21.86 -18.74
CA PRO C 822 -7.49 -20.53 -18.12
C PRO C 822 -6.77 -19.56 -19.05
N GLN C 823 -7.29 -18.35 -19.19
CA GLN C 823 -6.70 -17.38 -20.13
C GLN C 823 -5.85 -16.33 -19.43
N VAL C 824 -4.62 -16.13 -19.91
CA VAL C 824 -3.77 -15.08 -19.37
C VAL C 824 -4.41 -13.72 -19.62
N VAL C 825 -4.60 -12.96 -18.53
CA VAL C 825 -5.33 -11.70 -18.57
C VAL C 825 -4.43 -10.45 -18.67
N GLU C 826 -4.56 -9.74 -19.78
CA GLU C 826 -3.79 -8.52 -20.06
C GLU C 826 -3.69 -7.59 -18.85
N GLY C 827 -2.47 -7.29 -18.41
CA GLY C 827 -2.28 -6.37 -17.27
C GLY C 827 -2.08 -7.09 -15.96
N GLU C 828 -2.32 -8.39 -15.94
CA GLU C 828 -2.14 -9.19 -14.74
C GLU C 828 -0.80 -9.90 -14.74
N LYS C 829 -0.55 -10.65 -13.67
CA LYS C 829 0.75 -11.26 -13.47
C LYS C 829 0.77 -12.71 -13.92
N VAL C 830 1.95 -13.15 -14.33
CA VAL C 830 2.14 -14.54 -14.75
C VAL C 830 3.36 -15.17 -14.09
N TYR C 831 3.30 -16.48 -13.96
CA TYR C 831 4.45 -17.27 -13.59
C TYR C 831 5.19 -17.57 -14.88
N VAL C 832 6.51 -17.57 -14.81
CA VAL C 832 7.35 -17.84 -15.98
C VAL C 832 8.35 -18.94 -15.67
N LEU C 833 8.52 -19.87 -16.61
CA LEU C 833 9.55 -20.91 -16.55
C LEU C 833 10.25 -21.10 -17.90
N PRO C 834 11.59 -21.20 -17.89
CA PRO C 834 12.35 -21.60 -19.08
C PRO C 834 12.11 -23.07 -19.41
N LEU C 835 12.33 -23.43 -20.68
CA LEU C 835 12.10 -24.79 -21.16
C LEU C 835 13.34 -25.29 -21.90
N ARG C 836 13.75 -26.54 -21.67
CA ARG C 836 14.94 -27.08 -22.35
C ARG C 836 14.79 -27.11 -23.87
N GLU C 837 15.91 -26.97 -24.58
CA GLU C 837 15.92 -27.02 -26.05
C GLU C 837 15.28 -28.30 -26.59
N GLY C 838 14.52 -28.17 -27.68
CA GLY C 838 13.85 -29.31 -28.31
C GLY C 838 12.54 -29.70 -27.64
N ASN C 839 11.99 -28.80 -26.83
CA ASN C 839 10.72 -29.11 -26.19
C ASN C 839 9.55 -28.98 -27.17
N PRO C 840 8.46 -29.72 -26.92
CA PRO C 840 7.29 -29.76 -27.78
C PRO C 840 6.55 -28.43 -27.88
N PHE C 841 6.83 -27.51 -26.97
CA PHE C 841 6.17 -26.20 -26.95
C PHE C 841 6.74 -25.24 -28.00
N GLY C 842 7.89 -25.60 -28.56
CA GLY C 842 8.50 -24.82 -29.61
C GLY C 842 9.03 -23.45 -29.22
N ASP C 843 9.24 -23.22 -27.93
CA ASP C 843 9.96 -22.01 -27.49
C ASP C 843 10.68 -22.18 -26.16
N LYS C 844 11.47 -21.17 -25.81
CA LYS C 844 12.43 -21.26 -24.71
C LYS C 844 11.82 -20.95 -23.35
N CYS C 845 10.51 -20.70 -23.30
CA CYS C 845 9.83 -20.46 -22.05
C CYS C 845 8.31 -20.49 -22.24
N ILE C 846 7.61 -20.72 -21.14
CA ILE C 846 6.15 -20.74 -21.12
C ILE C 846 5.66 -19.93 -19.91
N ALA C 847 4.48 -19.34 -20.01
CA ALA C 847 3.95 -18.53 -18.91
C ALA C 847 2.45 -18.73 -18.72
N TRP C 848 2.00 -18.61 -17.48
CA TRP C 848 0.59 -18.82 -17.16
C TRP C 848 0.14 -17.97 -15.98
N PRO C 849 -1.18 -17.80 -15.82
CA PRO C 849 -1.69 -16.92 -14.76
C PRO C 849 -1.05 -17.20 -13.42
N SER C 850 -0.47 -16.17 -12.82
CA SER C 850 0.08 -16.31 -11.48
C SER C 850 -1.05 -16.64 -10.49
N GLY C 851 -0.67 -17.19 -9.34
CA GLY C 851 -1.65 -17.63 -8.37
C GLY C 851 -2.27 -19.00 -8.68
N THR C 852 -2.11 -19.48 -9.92
CA THR C 852 -2.79 -20.72 -10.31
C THR C 852 -1.86 -21.89 -10.64
N GLU C 853 -2.39 -23.10 -10.53
CA GLU C 853 -1.78 -24.27 -11.13
C GLU C 853 -1.96 -24.18 -12.64
N ILE C 854 -0.88 -24.39 -13.41
CA ILE C 854 -0.99 -24.41 -14.86
C ILE C 854 -1.89 -25.56 -15.28
N THR C 855 -2.84 -25.30 -16.17
CA THR C 855 -3.85 -26.30 -16.54
C THR C 855 -3.29 -27.71 -16.71
N ASP C 856 -4.12 -28.70 -16.42
CA ASP C 856 -3.76 -30.11 -16.62
C ASP C 856 -3.63 -30.43 -18.10
N LEU C 857 -4.03 -29.49 -18.95
CA LEU C 857 -3.95 -29.70 -20.39
C LEU C 857 -2.50 -29.79 -20.85
N ILE C 858 -1.60 -29.14 -20.11
CA ILE C 858 -0.18 -29.09 -20.49
C ILE C 858 0.77 -29.30 -19.31
N LYS C 859 0.24 -29.30 -18.09
CA LYS C 859 1.08 -29.40 -16.89
C LYS C 859 2.21 -30.43 -17.05
N ASP C 860 1.86 -31.68 -17.34
CA ASP C 860 2.85 -32.75 -17.38
C ASP C 860 4.06 -32.47 -18.27
N ASP C 861 3.82 -31.98 -19.48
CA ASP C 861 4.92 -31.68 -20.40
C ASP C 861 5.73 -30.48 -19.91
N VAL C 862 5.08 -29.55 -19.23
CA VAL C 862 5.80 -28.40 -18.70
C VAL C 862 6.77 -28.85 -17.63
N LEU C 863 6.30 -29.70 -16.72
CA LEU C 863 7.16 -30.23 -15.68
C LEU C 863 8.32 -31.04 -16.24
N HIS C 864 8.10 -31.75 -17.34
CA HIS C 864 9.12 -32.58 -17.96
C HIS C 864 10.20 -31.75 -18.63
N TRP C 865 9.81 -30.58 -19.14
CA TRP C 865 10.70 -29.78 -19.97
C TRP C 865 11.24 -28.51 -19.29
N MET C 866 10.88 -28.28 -18.03
CA MET C 866 11.43 -27.19 -17.22
C MET C 866 12.93 -27.19 -17.24
N ASP C 867 13.53 -26.05 -17.56
CA ASP C 867 14.98 -25.92 -17.54
C ASP C 867 15.48 -25.50 -16.15
N TYR C 868 15.77 -26.49 -15.31
CA TYR C 868 16.24 -26.23 -13.95
C TYR C 868 17.56 -25.46 -13.90
N THR C 869 18.49 -25.85 -14.76
CA THR C 869 19.82 -25.24 -14.81
C THR C 869 19.75 -23.74 -15.14
N VAL C 870 19.01 -23.40 -16.18
CA VAL C 870 18.81 -22.01 -16.54
C VAL C 870 18.08 -21.28 -15.41
N LEU C 871 16.92 -21.82 -15.03
CA LEU C 871 16.15 -21.29 -13.93
C LEU C 871 17.05 -21.00 -12.73
N LEU C 872 17.88 -21.98 -12.37
CA LEU C 872 18.73 -21.87 -11.20
C LEU C 872 19.74 -20.74 -11.26
N GLU C 873 20.46 -20.62 -12.36
CA GLU C 873 21.59 -19.70 -12.42
C GLU C 873 21.15 -18.27 -12.70
N LYS C 874 19.96 -18.11 -13.27
CA LYS C 874 19.38 -16.78 -13.47
C LYS C 874 18.81 -16.18 -12.19
N THR C 875 18.11 -17.00 -11.42
CA THR C 875 17.39 -16.47 -10.26
C THR C 875 18.18 -16.57 -8.96
N PHE C 876 18.94 -17.64 -8.79
CA PHE C 876 19.63 -17.81 -7.51
C PHE C 876 21.12 -17.46 -7.61
N ILE C 877 21.85 -18.24 -8.41
CA ILE C 877 23.29 -18.13 -8.51
C ILE C 877 23.79 -16.72 -8.85
N LYS C 878 23.31 -16.19 -9.97
CA LYS C 878 23.78 -14.90 -10.48
C LYS C 878 23.68 -13.79 -9.46
N PRO C 879 22.51 -13.64 -8.83
CA PRO C 879 22.30 -12.67 -7.76
C PRO C 879 23.18 -12.94 -6.54
N LEU C 880 23.22 -14.19 -6.11
CA LEU C 880 24.14 -14.56 -5.04
C LEU C 880 25.60 -14.17 -5.38
N GLU C 881 26.05 -14.42 -6.60
CA GLU C 881 27.41 -14.03 -6.99
C GLU C 881 27.54 -12.52 -6.90
N GLY C 882 26.43 -11.83 -7.13
CA GLY C 882 26.38 -10.38 -7.00
C GLY C 882 26.60 -9.96 -5.55
N PHE C 883 25.97 -10.68 -4.63
CA PHE C 883 26.12 -10.37 -3.21
C PHE C 883 27.56 -10.62 -2.79
N THR C 884 28.04 -11.83 -3.05
CA THR C 884 29.35 -12.26 -2.56
C THR C 884 30.52 -11.42 -3.05
N SER C 885 30.47 -10.95 -4.29
CA SER C 885 31.57 -10.14 -4.80
C SER C 885 31.55 -8.73 -4.20
N ALA C 886 30.36 -8.16 -4.08
CA ALA C 886 30.24 -6.87 -3.41
C ALA C 886 30.77 -6.99 -1.97
N ALA C 887 30.58 -8.17 -1.37
CA ALA C 887 30.96 -8.39 0.01
C ALA C 887 32.42 -8.86 0.14
N LYS C 888 33.07 -9.07 -1.00
CA LYS C 888 34.46 -9.51 -1.03
C LYS C 888 34.62 -10.84 -0.31
N LEU C 889 33.89 -11.83 -0.76
CA LEU C 889 34.08 -13.17 -0.25
C LEU C 889 33.63 -14.19 -1.28
N ASP C 890 33.82 -15.46 -0.95
CA ASP C 890 33.65 -16.50 -1.93
C ASP C 890 32.53 -17.45 -1.55
N TYR C 891 31.68 -17.79 -2.50
CA TYR C 891 30.60 -18.71 -2.23
C TYR C 891 31.05 -20.15 -2.44
N GLU C 892 32.32 -20.31 -2.78
CA GLU C 892 32.91 -21.63 -2.97
C GLU C 892 34.35 -21.65 -2.52
N LYS C 893 34.66 -22.54 -1.57
CA LYS C 893 36.05 -22.84 -1.26
C LYS C 893 36.50 -23.85 -2.31
N LYS C 894 37.54 -23.55 -3.08
CA LYS C 894 38.43 -22.40 -2.90
C LYS C 894 39.78 -22.90 -2.36
N ALA C 895 40.73 -23.09 -3.27
CA ALA C 895 42.07 -23.61 -2.94
C ALA C 895 42.33 -23.68 -1.43
N SER C 896 42.95 -24.77 -1.00
CA SER C 896 43.19 -25.00 0.44
C SER C 896 44.32 -24.13 1.02
N LEU C 897 45.56 -24.58 0.96
CA LEU C 897 45.96 -25.84 0.34
C LEU C 897 47.33 -26.26 0.89
N PHE C 898 47.37 -27.25 1.79
CA PHE C 898 46.21 -27.96 2.33
C PHE C 898 45.36 -28.69 1.29
N ASP C 899 45.04 -29.93 1.58
CA ASP C 899 45.48 -30.58 2.80
C ASP C 899 46.80 -31.32 2.59
N MET C 900 47.00 -32.40 3.35
CA MET C 900 48.25 -33.15 3.29
C MET C 900 48.49 -33.79 1.93
N PHE C 901 47.73 -34.85 1.62
CA PHE C 901 47.90 -35.57 0.35
C PHE C 901 46.89 -35.14 -0.71
N ALA C 902 45.74 -34.62 -0.27
CA ALA C 902 44.80 -34.01 -1.20
C ALA C 902 45.29 -32.60 -1.57
N PHE C 903 46.29 -32.56 -2.43
CA PHE C 903 46.98 -31.32 -2.78
C PHE C 903 47.89 -31.51 -4.00
O4 DUP D . 5.93 6.65 -1.46
C4 DUP D . 6.83 7.63 -1.15
C5 DUP D . 7.79 7.43 -0.17
C6 DUP D . 8.68 8.45 0.10
N3 DUP D . 6.80 8.79 -1.82
C2 DUP D . 7.68 9.76 -1.53
O2 DUP D . 7.62 10.93 -2.22
N1 DUP D . 8.62 9.60 -0.59
C1' DUP D . 9.55 10.69 -0.29
C2' DUP D . 8.82 11.62 0.69
C3' DUP D . 9.35 11.21 2.05
O3' DUP D . 9.31 12.29 2.97
O4' DUP D . 10.69 10.21 0.44
C4' DUP D . 10.78 10.79 1.73
C5' DUP D . 11.37 9.79 2.72
O5' DUP D . 10.45 8.72 2.85
PA DUP D . 10.53 7.68 4.09
O1A DUP D . 10.19 6.31 3.55
O2A DUP D . 11.87 7.88 4.75
N3A DUP D . 9.36 8.16 5.15
PB DUP D . 9.26 9.76 5.60
O1B DUP D . 8.18 10.49 4.82
O2B DUP D . 10.65 10.38 5.64
O3B DUP D . 8.74 9.75 7.11
PG DUP D . 9.21 8.63 8.15
O2G DUP D . 8.96 9.35 9.47
O1G DUP D . 10.65 8.33 7.82
O3G DUP D . 8.26 7.48 7.85
CA CA E . 8.48 -17.22 32.79
CA CA F . 12.30 9.56 7.01
CA CA G . 14.08 6.46 4.86
CA CA H . 9.49 6.16 9.21
#